data_4BUG
#
_entry.id   4BUG
#
_cell.length_a   45.960
_cell.length_b   116.860
_cell.length_c   176.850
_cell.angle_alpha   90.00
_cell.angle_beta   90.00
_cell.angle_gamma   90.00
#
_symmetry.space_group_name_H-M   'P 21 21 21'
#
loop_
_entity.id
_entity.type
_entity.pdbx_description
1 polymer 'ANCILLARY PROTEIN 1'
2 water water
#
_entity_poly.entity_id   1
_entity_poly.type   'polypeptide(L)'
_entity_poly.pdbx_seq_one_letter_code
;MAHHHHHHSSGLEVLFQGPNQPQTTSVLIRKYAIGDYSKLLEGATLQLTGDNVNSFQARVFSSNDIGERIELSDGTYTLT
ELNSPAGYSIAEPITFKVEAGKVYTIIDGKQIENPNKEIVEPYSVEAYNDFEEFSVLTTQNYAKFYYAKNKNGSSQVVYA
FNADLKSPPDSEDGGKTMTPDFTTGEVKYTHIAGRDLFKYTVKPRDTDPDTFLKHIKKVIEKGYREKGQAIEYSGLTETQ
LRAATQLAIYYFTDSAELDKDKLKDYHGFGDMNDSTLAVAKILVEYAQDSNPPQLTDLDFFIPNNNKYQSLIGTQWHPED
LVDIIRMEDKKEVIPVTHNLTLRKTVTGLAGDRTKDFHFEIELKNNKQELLSQTVKTDKTNLEFKDGKATINLKHGESLT
LQGLPEGYSYLVKETDSEGYKVKVNSQEVANATVSKTGITSDETLAFENNKEPVVPT
;
_entity_poly.pdbx_strand_id   A,B
#
# COMPACT_ATOMS: atom_id res chain seq x y z
N THR A 24 -5.43 5.56 40.69
CA THR A 24 -4.43 5.64 39.53
C THR A 24 -4.98 5.46 38.10
N THR A 25 -4.17 5.89 37.15
CA THR A 25 -4.70 6.32 35.86
C THR A 25 -4.80 5.27 34.79
N SER A 26 -5.93 5.25 34.10
CA SER A 26 -6.15 4.32 33.00
C SER A 26 -5.74 4.95 31.67
N VAL A 27 -4.91 4.23 30.92
CA VAL A 27 -4.54 4.63 29.58
C VAL A 27 -4.67 3.46 28.66
N LEU A 28 -4.91 3.76 27.39
CA LEU A 28 -4.82 2.80 26.32
C LEU A 28 -3.80 3.30 25.35
N ILE A 29 -2.98 2.39 24.87
CA ILE A 29 -1.99 2.68 23.85
C ILE A 29 -2.58 2.23 22.53
N ARG A 30 -2.72 3.16 21.62
CA ARG A 30 -3.34 2.86 20.35
C ARG A 30 -2.46 3.30 19.25
N LYS A 31 -2.28 2.41 18.28
CA LYS A 31 -1.51 2.69 17.08
C LYS A 31 -2.47 2.93 15.90
N TYR A 32 -2.29 4.06 15.24
CA TYR A 32 -3.12 4.44 14.09
C TYR A 32 -2.20 4.69 12.90
N ALA A 33 -2.79 4.65 11.71
CA ALA A 33 -2.07 4.95 10.50
C ALA A 33 -2.39 6.39 10.11
N ILE A 34 -1.36 7.20 9.83
CA ILE A 34 -1.62 8.57 9.41
C ILE A 34 -2.50 8.50 8.19
N GLY A 35 -3.59 9.27 8.19
CA GLY A 35 -4.50 9.36 7.03
C GLY A 35 -5.60 8.32 6.92
N ASP A 36 -5.54 7.24 7.69
CA ASP A 36 -6.59 6.21 7.67
C ASP A 36 -6.90 5.75 9.10
N TYR A 37 -7.95 6.35 9.69
CA TYR A 37 -8.36 6.02 11.05
C TYR A 37 -9.53 5.02 11.14
N SER A 38 -9.88 4.33 10.07
CA SER A 38 -10.99 3.37 10.07
C SER A 38 -10.76 2.10 10.88
N LYS A 39 -9.49 1.79 11.12
CA LYS A 39 -9.12 0.83 12.14
C LYS A 39 -7.75 1.11 12.71
N LEU A 40 -7.48 0.53 13.87
CA LEU A 40 -6.17 0.65 14.49
C LEU A 40 -5.18 -0.19 13.70
N LEU A 41 -3.93 0.23 13.72
CA LEU A 41 -2.89 -0.39 12.95
C LEU A 41 -2.21 -1.46 13.78
N GLU A 42 -2.34 -2.70 13.33
CA GLU A 42 -1.92 -3.88 14.10
C GLU A 42 -0.53 -4.33 13.76
N GLY A 43 0.12 -4.98 14.73
CA GLY A 43 1.42 -5.66 14.54
C GLY A 43 2.57 -4.68 14.52
N ALA A 44 2.49 -3.65 15.33
CA ALA A 44 3.63 -2.78 15.55
C ALA A 44 4.15 -3.22 16.89
N THR A 45 5.47 -3.32 16.99
CA THR A 45 6.11 -3.79 18.19
C THR A 45 6.45 -2.54 19.02
N LEU A 46 5.82 -2.43 20.19
CA LEU A 46 5.90 -1.23 21.00
C LEU A 46 6.50 -1.50 22.37
N GLN A 47 7.22 -0.50 22.88
CA GLN A 47 7.85 -0.57 24.19
C GLN A 47 7.54 0.62 25.02
N LEU A 48 7.17 0.37 26.26
CA LEU A 48 6.80 1.41 27.17
C LEU A 48 7.74 1.39 28.37
N THR A 49 8.34 2.54 28.61
CA THR A 49 9.47 2.72 29.49
C THR A 49 9.13 3.81 30.48
N GLY A 50 9.55 3.63 31.74
CA GLY A 50 9.34 4.64 32.77
C GLY A 50 10.57 4.78 33.64
N ASP A 51 10.39 5.27 34.87
CA ASP A 51 11.52 5.63 35.78
C ASP A 51 11.23 5.57 37.29
N ASN A 52 10.22 4.78 37.69
CA ASN A 52 9.68 4.76 39.04
C ASN A 52 9.53 3.30 39.55
N VAL A 53 8.72 3.09 40.59
CA VAL A 53 8.35 1.73 41.09
C VAL A 53 6.82 1.52 41.13
N PHE A 56 7.45 0.69 38.41
CA PHE A 56 6.87 0.35 37.11
C PHE A 56 7.84 -0.51 36.30
N GLN A 57 7.28 -1.56 35.70
CA GLN A 57 8.07 -2.58 35.05
C GLN A 57 7.97 -2.45 33.52
N ALA A 58 9.00 -1.90 32.87
CA ALA A 58 9.00 -1.75 31.39
C ALA A 58 8.52 -2.99 30.66
N ARG A 59 7.83 -2.80 29.54
CA ARG A 59 7.21 -3.95 28.86
C ARG A 59 7.15 -3.76 27.36
N VAL A 60 7.20 -4.87 26.63
CA VAL A 60 7.01 -4.88 25.18
C VAL A 60 5.70 -5.58 24.78
N PHE A 61 5.06 -5.06 23.73
CA PHE A 61 3.79 -5.63 23.24
C PHE A 61 3.53 -5.32 21.78
N SER A 62 2.53 -6.00 21.21
CA SER A 62 2.13 -5.83 19.80
C SER A 62 0.87 -4.98 19.72
N SER A 63 0.88 -3.96 18.88
CA SER A 63 -0.32 -3.11 18.72
C SER A 63 -1.45 -3.96 18.17
N ASN A 64 -2.66 -3.75 18.69
CA ASN A 64 -3.80 -4.62 18.44
C ASN A 64 -5.05 -3.82 18.06
N ASP A 65 -6.15 -4.53 17.81
CA ASP A 65 -7.32 -3.86 17.26
C ASP A 65 -8.12 -2.97 18.24
N ILE A 66 -7.85 -3.01 19.54
CA ILE A 66 -8.64 -2.18 20.45
C ILE A 66 -7.82 -1.23 21.33
N GLY A 67 -6.56 -1.58 21.57
CA GLY A 67 -5.65 -0.76 22.37
C GLY A 67 -5.05 -1.61 23.44
N GLU A 68 -3.98 -1.12 24.04
CA GLU A 68 -3.31 -1.82 25.12
C GLU A 68 -3.69 -1.10 26.39
N ARG A 69 -4.42 -1.77 27.29
CA ARG A 69 -4.89 -1.16 28.53
C ARG A 69 -3.85 -1.34 29.60
N ILE A 70 -3.50 -0.25 30.27
CA ILE A 70 -2.54 -0.28 31.36
C ILE A 70 -2.93 0.68 32.47
N GLU A 71 -2.74 0.26 33.71
CA GLU A 71 -2.97 1.13 34.87
C GLU A 71 -1.66 1.66 35.39
N LEU A 72 -1.52 2.97 35.44
CA LEU A 72 -0.24 3.62 35.69
C LEU A 72 -0.21 4.53 36.93
N SER A 73 0.86 4.40 37.71
CA SER A 73 1.22 5.33 38.77
C SER A 73 1.77 6.61 38.17
N ASP A 74 1.78 7.67 38.97
CA ASP A 74 2.27 8.95 38.50
C ASP A 74 3.73 8.78 38.17
N GLY A 75 4.20 9.52 37.18
CA GLY A 75 5.58 9.40 36.75
C GLY A 75 5.69 9.77 35.29
N THR A 76 6.90 9.66 34.76
CA THR A 76 7.12 9.98 33.34
C THR A 76 7.42 8.68 32.56
N TYR A 77 6.69 8.51 31.46
CA TYR A 77 6.79 7.31 30.63
C TYR A 77 7.10 7.65 29.19
N THR A 78 7.53 6.66 28.43
CA THR A 78 7.99 6.85 27.05
C THR A 78 7.65 5.68 26.19
N LEU A 79 6.92 5.93 25.13
CA LEU A 79 6.48 4.89 24.25
C LEU A 79 7.40 4.93 23.08
N THR A 80 7.95 3.78 22.72
CA THR A 80 8.90 3.66 21.62
C THR A 80 8.48 2.55 20.67
N GLU A 81 8.67 2.75 19.38
CA GLU A 81 8.32 1.72 18.41
C GLU A 81 9.55 0.98 18.00
N LEU A 82 9.70 -0.26 18.45
CA LEU A 82 10.91 -1.07 18.18
C LEU A 82 10.98 -1.47 16.71
N ASN A 83 9.83 -1.74 16.12
CA ASN A 83 9.68 -1.66 14.67
C ASN A 83 8.22 -1.71 14.25
N SER A 84 8.00 -1.48 12.97
CA SER A 84 6.69 -1.20 12.43
C SER A 84 6.21 -2.29 11.47
N PRO A 85 4.89 -2.36 11.24
CA PRO A 85 4.40 -3.29 10.22
C PRO A 85 4.96 -2.93 8.86
N ALA A 86 5.20 -3.95 8.05
CA ALA A 86 5.70 -3.75 6.69
C ALA A 86 4.98 -2.59 6.04
N GLY A 87 5.77 -1.70 5.45
CA GLY A 87 5.24 -0.57 4.72
C GLY A 87 4.97 0.62 5.59
N TYR A 88 5.66 0.71 6.72
CA TYR A 88 5.50 1.89 7.56
C TYR A 88 6.83 2.35 8.12
N SER A 89 6.93 3.65 8.31
CA SER A 89 8.12 4.21 8.92
C SER A 89 7.98 4.01 10.41
N ILE A 90 9.11 3.95 11.10
CA ILE A 90 9.08 3.96 12.54
C ILE A 90 8.78 5.39 12.98
N ALA A 91 7.89 5.54 13.94
CA ALA A 91 7.48 6.85 14.45
C ALA A 91 8.39 7.36 15.57
N GLU A 92 8.25 8.63 15.88
CA GLU A 92 9.04 9.27 16.92
C GLU A 92 8.51 8.86 18.26
N PRO A 93 9.38 8.64 19.24
CA PRO A 93 8.88 8.19 20.55
C PRO A 93 8.01 9.22 21.23
N ILE A 94 7.02 8.76 21.98
CA ILE A 94 6.12 9.68 22.68
C ILE A 94 6.51 9.66 24.15
N THR A 95 6.80 10.83 24.71
CA THR A 95 6.99 10.92 26.15
C THR A 95 5.82 11.63 26.82
N PHE A 96 5.33 11.03 27.90
CA PHE A 96 4.19 11.59 28.60
C PHE A 96 4.36 11.39 30.09
N LYS A 97 3.56 12.14 30.83
CA LYS A 97 3.65 12.22 32.29
C LYS A 97 2.28 11.99 32.87
N VAL A 98 2.21 11.10 33.85
CA VAL A 98 0.95 10.81 34.55
C VAL A 98 1.00 11.55 35.86
N GLU A 99 -0.04 12.32 36.17
CA GLU A 99 -0.09 13.06 37.43
C GLU A 99 -1.53 13.28 37.90
N ALA A 100 -1.83 12.69 39.06
CA ALA A 100 -3.07 12.94 39.77
C ALA A 100 -4.28 12.59 38.89
N GLY A 101 -4.27 11.40 38.30
CA GLY A 101 -5.36 10.95 37.43
C GLY A 101 -5.42 11.59 36.04
N LYS A 102 -4.36 12.29 35.63
CA LYS A 102 -4.33 12.98 34.35
C LYS A 102 -2.99 12.78 33.63
N VAL A 103 -3.02 12.99 32.32
CA VAL A 103 -1.90 12.68 31.46
C VAL A 103 -1.45 13.93 30.74
N TYR A 104 -0.17 14.22 30.80
CA TYR A 104 0.35 15.41 30.17
C TYR A 104 1.44 15.01 29.16
N THR A 105 1.57 15.81 28.09
CA THR A 105 2.59 15.57 27.07
C THR A 105 3.21 16.84 26.50
N ILE A 106 4.27 16.72 25.71
CA ILE A 106 4.78 17.90 24.98
C ILE A 106 4.87 17.65 23.49
N GLN A 111 4.26 22.14 26.89
CA GLN A 111 3.55 21.11 27.69
C GLN A 111 2.05 21.36 27.78
N ILE A 112 1.27 20.34 27.44
CA ILE A 112 -0.20 20.41 27.52
C ILE A 112 -0.82 19.21 28.23
N GLU A 113 -2.12 19.30 28.44
CA GLU A 113 -2.94 18.18 28.90
C GLU A 113 -3.29 17.29 27.69
N ASN A 114 -3.21 15.97 27.87
CA ASN A 114 -3.45 14.99 26.80
C ASN A 114 -4.76 15.23 26.07
N PRO A 115 -4.67 15.46 24.74
CA PRO A 115 -5.88 15.73 24.01
C PRO A 115 -6.59 14.45 23.56
N ASN A 116 -5.90 13.33 23.54
CA ASN A 116 -6.51 12.12 23.02
C ASN A 116 -7.35 11.38 24.08
N LYS A 117 -8.66 11.55 23.97
CA LYS A 117 -9.61 10.93 24.82
C LYS A 117 -10.61 10.17 23.96
N GLU A 118 -10.68 8.86 24.15
CA GLU A 118 -11.47 7.99 23.31
C GLU A 118 -12.19 6.90 24.12
N ILE A 119 -13.19 6.30 23.52
CA ILE A 119 -13.93 5.25 24.15
C ILE A 119 -13.10 3.98 24.14
N VAL A 120 -13.48 3.03 24.98
CA VAL A 120 -12.70 1.84 25.15
C VAL A 120 -12.95 0.79 24.06
N GLU A 121 -14.20 0.42 23.79
CA GLU A 121 -14.51 -0.38 22.59
C GLU A 121 -14.69 0.57 21.38
N PRO A 122 -13.71 0.61 20.45
CA PRO A 122 -13.83 1.49 19.28
C PRO A 122 -14.81 0.97 18.28
N TYR A 123 -15.23 1.85 17.36
CA TYR A 123 -16.16 1.49 16.31
C TYR A 123 -17.30 0.75 16.92
N SER A 124 -17.86 1.31 17.95
CA SER A 124 -18.99 0.72 18.64
C SER A 124 -20.20 1.66 18.73
N VAL A 125 -20.04 2.95 18.42
CA VAL A 125 -21.12 3.90 18.51
C VAL A 125 -21.90 3.98 17.20
N GLU A 126 -23.21 4.00 17.33
CA GLU A 126 -24.07 4.12 16.15
C GLU A 126 -24.32 5.55 15.72
N ALA A 127 -24.30 5.78 14.42
CA ALA A 127 -24.71 7.06 13.86
C ALA A 127 -25.50 6.75 12.61
N TYR A 128 -26.46 7.59 12.28
CA TYR A 128 -27.36 7.30 11.18
C TYR A 128 -27.86 8.56 10.50
N ASN A 129 -28.24 8.43 9.25
CA ASN A 129 -28.94 9.49 8.55
C ASN A 129 -30.40 9.14 8.54
N ASP A 130 -31.22 9.99 9.14
CA ASP A 130 -32.61 9.69 9.31
C ASP A 130 -33.26 9.87 7.97
N PHE A 131 -33.44 8.75 7.29
CA PHE A 131 -33.93 8.74 5.94
C PHE A 131 -35.39 9.16 5.79
N GLU A 132 -36.18 9.11 6.88
CA GLU A 132 -37.63 9.42 6.81
C GLU A 132 -38.04 10.83 7.28
N GLU A 133 -37.07 11.61 7.77
CA GLU A 133 -37.28 12.98 8.17
C GLU A 133 -37.38 13.86 6.94
N PHE A 134 -38.34 14.79 6.96
CA PHE A 134 -38.60 15.71 5.85
C PHE A 134 -38.76 17.17 6.32
N SER A 135 -38.04 18.05 5.65
CA SER A 135 -38.12 19.48 5.84
C SER A 135 -37.17 20.10 4.79
N VAL A 136 -37.65 21.10 4.05
CA VAL A 136 -36.91 21.61 2.89
C VAL A 136 -35.96 22.76 3.19
N LEU A 137 -35.03 23.01 2.28
CA LEU A 137 -34.27 24.27 2.23
C LEU A 137 -35.02 25.32 1.45
N THR A 138 -35.59 24.90 0.33
CA THR A 138 -36.46 25.76 -0.48
C THR A 138 -37.50 24.90 -1.21
N THR A 139 -37.03 24.11 -2.18
CA THR A 139 -37.92 23.28 -2.97
C THR A 139 -37.83 21.79 -2.63
N GLN A 140 -36.73 21.43 -1.96
CA GLN A 140 -36.26 20.06 -1.86
C GLN A 140 -35.88 19.71 -0.41
N ASN A 141 -36.26 18.51 0.00
CA ASN A 141 -35.96 18.03 1.31
C ASN A 141 -34.48 18.14 1.60
N TYR A 142 -34.11 18.59 2.79
CA TYR A 142 -32.71 18.69 3.17
C TYR A 142 -32.04 17.33 3.16
N ALA A 143 -32.61 16.40 3.91
CA ALA A 143 -32.23 14.98 3.84
C ALA A 143 -30.76 14.72 4.17
N LYS A 144 -30.19 15.57 5.00
CA LYS A 144 -28.80 15.40 5.51
C LYS A 144 -28.91 15.43 7.02
N PHE A 145 -29.88 14.65 7.48
CA PHE A 145 -30.34 14.68 8.86
C PHE A 145 -29.54 13.67 9.64
N TYR A 146 -28.38 14.10 10.10
CA TYR A 146 -27.42 13.19 10.74
C TYR A 146 -27.44 13.23 12.27
N TYR A 147 -27.31 12.06 12.86
CA TYR A 147 -27.39 11.91 14.31
C TYR A 147 -26.44 10.85 14.79
N ALA A 148 -25.87 11.02 15.98
CA ALA A 148 -25.22 9.89 16.65
C ALA A 148 -25.99 9.46 17.91
N LYS A 149 -25.94 8.18 18.24
CA LYS A 149 -26.64 7.67 19.41
C LYS A 149 -25.77 7.79 20.64
N ASN A 150 -26.25 8.59 21.60
CA ASN A 150 -25.63 8.72 22.89
C ASN A 150 -25.80 7.44 23.69
N LYS A 151 -24.98 7.30 24.73
CA LYS A 151 -24.93 6.06 25.50
C LYS A 151 -26.29 5.74 26.07
N ASN A 152 -27.01 6.77 26.52
CA ASN A 152 -28.30 6.56 27.15
C ASN A 152 -29.45 6.28 26.18
N GLY A 153 -29.17 6.34 24.88
CA GLY A 153 -30.18 6.01 23.84
C GLY A 153 -30.69 7.20 23.03
N SER A 154 -30.65 8.39 23.64
CA SER A 154 -30.97 9.64 22.95
C SER A 154 -30.09 9.84 21.70
N SER A 155 -30.50 10.78 20.88
CA SER A 155 -29.76 11.04 19.67
C SER A 155 -29.23 12.47 19.69
N GLN A 156 -27.95 12.66 19.51
CA GLN A 156 -27.48 14.01 19.27
C GLN A 156 -27.38 14.34 17.77
N VAL A 157 -27.77 15.56 17.45
CA VAL A 157 -27.48 16.13 16.14
C VAL A 157 -25.99 16.08 15.89
N VAL A 158 -25.61 15.63 14.71
CA VAL A 158 -24.22 15.73 14.25
C VAL A 158 -24.05 16.25 12.80
N TYR A 159 -22.84 16.68 12.49
CA TYR A 159 -22.51 17.26 11.13
C TYR A 159 -21.29 16.59 10.44
N ALA A 160 -21.39 16.38 9.14
CA ALA A 160 -20.28 15.85 8.33
C ALA A 160 -19.05 16.72 8.40
N PHE A 161 -17.87 16.09 8.38
CA PHE A 161 -16.58 16.81 8.37
C PHE A 161 -15.88 16.69 7.04
N ASN A 162 -16.43 15.89 6.13
CA ASN A 162 -15.83 15.61 4.85
C ASN A 162 -16.97 15.62 3.88
N ALA A 163 -17.01 16.58 2.98
CA ALA A 163 -18.21 16.79 2.21
C ALA A 163 -18.36 15.81 1.09
N ASP A 164 -17.33 15.03 0.80
CA ASP A 164 -17.36 14.12 -0.38
C ASP A 164 -17.42 12.66 0.00
N LEU A 165 -17.33 12.37 1.28
CA LEU A 165 -17.40 11.01 1.73
C LEU A 165 -18.85 10.59 1.96
N LYS A 166 -19.07 9.32 2.25
CA LYS A 166 -20.41 8.86 2.46
C LYS A 166 -20.95 9.29 3.80
N SER A 167 -22.21 9.70 3.77
CA SER A 167 -22.99 10.00 4.97
C SER A 167 -23.16 8.80 5.87
N PRO A 168 -23.46 9.04 7.15
CA PRO A 168 -23.84 7.93 8.03
C PRO A 168 -24.92 7.09 7.38
N PRO A 169 -24.96 5.78 7.68
CA PRO A 169 -25.97 4.86 7.17
C PRO A 169 -27.43 5.26 7.34
N ASP A 170 -28.22 5.01 6.30
CA ASP A 170 -29.61 5.32 6.33
C ASP A 170 -30.29 4.49 7.39
N SER A 171 -31.15 5.12 8.15
CA SER A 171 -32.10 4.41 8.93
C SER A 171 -33.49 4.82 8.46
N GLU A 172 -34.39 3.83 8.48
CA GLU A 172 -35.78 4.03 8.11
C GLU A 172 -36.66 4.14 9.34
N ASP A 173 -36.11 3.88 10.53
CA ASP A 173 -36.89 3.83 11.76
C ASP A 173 -36.31 4.69 12.87
N GLY A 174 -35.81 5.89 12.53
CA GLY A 174 -35.28 6.80 13.55
C GLY A 174 -34.03 6.32 14.29
N GLY A 175 -33.22 5.51 13.62
CA GLY A 175 -31.94 5.08 14.14
C GLY A 175 -31.88 3.74 14.83
N LYS A 176 -32.96 2.95 14.75
CA LYS A 176 -32.98 1.63 15.40
C LYS A 176 -32.33 0.54 14.55
N THR A 177 -32.43 0.69 13.23
CA THR A 177 -31.73 -0.18 12.31
C THR A 177 -31.14 0.64 11.18
N MET A 178 -29.97 0.21 10.72
CA MET A 178 -29.15 0.95 9.79
C MET A 178 -28.84 0.10 8.55
N THR A 179 -28.84 0.69 7.38
CA THR A 179 -28.37 0.02 6.21
C THR A 179 -26.88 -0.31 6.37
N PRO A 180 -26.49 -1.58 6.30
CA PRO A 180 -25.04 -1.83 6.30
C PRO A 180 -24.36 -1.37 5.04
N ASP A 181 -23.06 -1.26 5.06
CA ASP A 181 -22.31 -1.00 3.84
C ASP A 181 -22.18 -2.38 3.16
N PHE A 182 -22.21 -2.37 1.84
CA PHE A 182 -22.15 -3.59 1.06
C PHE A 182 -20.90 -4.42 1.35
N THR A 183 -19.77 -3.74 1.58
CA THR A 183 -18.44 -4.36 1.65
C THR A 183 -17.94 -4.57 3.06
N THR A 184 -18.19 -3.66 3.98
CA THR A 184 -17.66 -3.77 5.34
C THR A 184 -18.71 -4.01 6.41
N GLY A 185 -19.99 -4.03 6.04
CA GLY A 185 -21.04 -4.28 7.00
C GLY A 185 -21.40 -3.07 7.82
N GLU A 186 -22.05 -3.31 8.96
CA GLU A 186 -22.48 -2.25 9.88
C GLU A 186 -21.43 -1.18 9.95
N VAL A 187 -21.81 0.08 9.78
CA VAL A 187 -20.87 1.19 9.96
C VAL A 187 -21.07 1.80 11.31
N LYS A 188 -20.08 1.66 12.18
CA LYS A 188 -20.15 2.28 13.48
C LYS A 188 -18.90 3.12 13.67
N TYR A 189 -18.84 3.81 14.78
CA TYR A 189 -17.92 4.92 14.96
C TYR A 189 -17.20 4.86 16.29
N THR A 190 -16.00 5.42 16.30
CA THR A 190 -15.30 5.66 17.56
C THR A 190 -15.57 7.07 18.00
N HIS A 191 -16.01 7.21 19.24
CA HIS A 191 -16.35 8.47 19.85
C HIS A 191 -15.09 9.00 20.54
N ILE A 192 -14.64 10.18 20.13
CA ILE A 192 -13.48 10.79 20.75
C ILE A 192 -13.85 12.19 21.20
N ALA A 193 -13.02 12.79 22.01
CA ALA A 193 -13.14 14.20 22.23
C ALA A 193 -12.61 14.92 20.98
N GLY A 194 -13.42 15.87 20.50
CA GLY A 194 -13.03 16.77 19.45
C GLY A 194 -11.97 17.73 19.97
N ARG A 195 -10.73 17.26 19.80
CA ARG A 195 -9.52 18.04 20.00
C ARG A 195 -8.62 17.42 18.98
N ASP A 196 -7.78 18.26 18.39
CA ASP A 196 -6.94 17.78 17.30
C ASP A 196 -7.76 17.19 16.15
N LEU A 197 -8.77 17.95 15.71
CA LEU A 197 -9.62 17.57 14.59
C LEU A 197 -9.03 18.00 13.22
N PHE A 198 -7.97 18.79 13.22
CA PHE A 198 -7.43 19.19 11.97
C PHE A 198 -7.13 17.99 11.04
N LYS A 199 -6.61 16.91 11.60
CA LYS A 199 -6.13 15.80 10.76
C LYS A 199 -7.22 15.06 9.95
N TYR A 200 -8.49 15.29 10.29
CA TYR A 200 -9.59 14.61 9.60
C TYR A 200 -10.11 15.44 8.43
N THR A 201 -9.74 16.70 8.37
CA THR A 201 -10.06 17.52 7.21
C THR A 201 -9.38 17.05 5.90
N VAL A 202 -10.10 17.19 4.80
CA VAL A 202 -9.54 16.92 3.47
C VAL A 202 -8.92 18.18 2.85
N LYS A 203 -9.63 19.30 2.88
CA LYS A 203 -9.14 20.52 2.22
C LYS A 203 -9.47 21.73 3.05
N PRO A 204 -8.88 21.82 4.24
CA PRO A 204 -9.27 22.90 5.12
C PRO A 204 -8.61 24.23 4.70
N ARG A 205 -9.30 25.31 5.03
CA ARG A 205 -8.80 26.66 4.85
C ARG A 205 -7.67 27.01 5.82
N ASP A 206 -7.75 26.58 7.05
CA ASP A 206 -6.74 26.96 8.04
C ASP A 206 -5.43 26.23 7.87
N THR A 207 -4.42 26.71 8.59
CA THR A 207 -3.15 25.98 8.69
C THR A 207 -2.72 25.80 10.13
N ASP A 208 -3.36 26.49 11.06
CA ASP A 208 -3.09 26.23 12.46
C ASP A 208 -4.15 25.30 13.10
N PRO A 209 -3.75 24.10 13.57
CA PRO A 209 -4.67 23.17 14.27
C PRO A 209 -5.54 23.82 15.36
N ASP A 210 -4.92 24.49 16.32
CA ASP A 210 -5.70 25.15 17.36
C ASP A 210 -6.67 26.19 16.82
N THR A 211 -6.22 27.02 15.88
CA THR A 211 -7.11 28.03 15.25
C THR A 211 -8.30 27.32 14.63
N PHE A 212 -8.02 26.25 13.90
CA PHE A 212 -9.03 25.47 13.23
C PHE A 212 -10.10 25.03 14.25
N LEU A 213 -9.66 24.41 15.34
CA LEU A 213 -10.59 23.85 16.35
C LEU A 213 -11.52 24.95 16.89
N LYS A 214 -10.94 26.12 17.16
CA LYS A 214 -11.78 27.23 17.61
C LYS A 214 -12.80 27.58 16.59
N HIS A 215 -12.41 27.66 15.33
CA HIS A 215 -13.40 27.91 14.30
C HIS A 215 -14.57 26.95 14.38
N ILE A 216 -14.28 25.67 14.57
CA ILE A 216 -15.29 24.64 14.51
C ILE A 216 -16.24 24.77 15.70
N LYS A 217 -15.70 25.00 16.89
CA LYS A 217 -16.53 25.00 18.10
C LYS A 217 -17.50 26.15 18.11
N LYS A 218 -17.19 27.21 17.37
CA LYS A 218 -17.99 28.40 17.48
C LYS A 218 -19.09 28.41 16.46
N VAL A 219 -18.82 27.76 15.36
CA VAL A 219 -19.85 27.46 14.41
C VAL A 219 -20.93 26.64 15.12
N ILE A 220 -20.51 25.58 15.75
CA ILE A 220 -21.42 24.73 16.49
C ILE A 220 -22.09 25.56 17.61
N GLU A 221 -21.31 26.40 18.30
CA GLU A 221 -21.86 27.29 19.34
C GLU A 221 -23.13 28.01 18.87
N LYS A 222 -23.02 28.67 17.72
CA LYS A 222 -24.11 29.51 17.24
C LYS A 222 -25.12 28.82 16.31
N GLY A 223 -24.78 27.63 15.83
CA GLY A 223 -25.61 26.88 14.91
C GLY A 223 -26.63 26.00 15.59
N TYR A 224 -27.15 25.05 14.85
CA TYR A 224 -28.23 24.23 15.36
C TYR A 224 -27.70 23.09 16.17
N ARG A 225 -28.13 23.01 17.43
CA ARG A 225 -27.61 21.97 18.33
C ARG A 225 -28.67 21.02 18.85
N GLU A 226 -29.86 21.54 19.11
CA GLU A 226 -30.93 20.75 19.74
C GLU A 226 -32.31 21.02 19.17
N LYS A 227 -33.15 19.98 19.21
CA LYS A 227 -34.56 20.11 18.84
C LYS A 227 -35.14 21.26 19.63
N GLY A 228 -35.97 22.07 18.99
CA GLY A 228 -36.75 23.08 19.70
C GLY A 228 -36.01 24.24 20.32
N GLN A 229 -34.73 24.42 20.01
CA GLN A 229 -34.01 25.57 20.54
C GLN A 229 -34.51 26.86 19.89
N ALA A 230 -34.28 27.96 20.60
CA ALA A 230 -34.52 29.31 20.11
C ALA A 230 -33.67 29.64 18.87
N ILE A 231 -34.35 29.89 17.75
CA ILE A 231 -33.67 30.27 16.52
C ILE A 231 -33.43 31.79 16.54
N GLU A 232 -32.25 32.21 16.98
CA GLU A 232 -31.83 33.60 16.93
C GLU A 232 -32.14 34.30 15.57
N TYR A 233 -32.29 33.55 14.47
CA TYR A 233 -32.47 34.15 13.15
C TYR A 233 -33.92 34.10 12.64
N SER A 234 -34.53 35.27 12.60
CA SER A 234 -35.89 35.49 12.15
C SER A 234 -36.18 34.79 10.82
N GLY A 235 -37.28 34.04 10.77
CA GLY A 235 -37.76 33.42 9.54
C GLY A 235 -37.11 32.14 9.08
N LEU A 236 -36.13 31.64 9.83
CA LEU A 236 -35.52 30.32 9.52
C LEU A 236 -36.16 29.20 10.30
N THR A 237 -36.31 28.05 9.65
CA THR A 237 -36.74 26.83 10.34
C THR A 237 -35.53 26.18 11.02
N GLU A 238 -35.82 25.21 11.88
CA GLU A 238 -34.76 24.47 12.54
C GLU A 238 -33.89 23.80 11.50
N THR A 239 -34.54 23.21 10.51
CA THR A 239 -33.81 22.53 9.43
C THR A 239 -32.92 23.48 8.60
N GLN A 240 -33.39 24.68 8.31
CA GLN A 240 -32.59 25.62 7.57
C GLN A 240 -31.36 26.05 8.37
N LEU A 241 -31.48 26.16 9.68
CA LEU A 241 -30.31 26.45 10.50
C LEU A 241 -29.31 25.33 10.50
N ARG A 242 -29.81 24.13 10.58
CA ARG A 242 -28.96 22.96 10.54
C ARG A 242 -28.18 22.98 9.22
N ALA A 243 -28.85 23.26 8.12
CA ALA A 243 -28.17 23.35 6.83
C ALA A 243 -27.12 24.42 6.83
N ALA A 244 -27.44 25.55 7.44
CA ALA A 244 -26.49 26.62 7.51
C ALA A 244 -25.28 26.17 8.28
N THR A 245 -25.53 25.52 9.40
CA THR A 245 -24.48 25.07 10.26
C THR A 245 -23.55 24.16 9.48
N GLN A 246 -24.10 23.09 8.93
CA GLN A 246 -23.36 22.14 8.08
C GLN A 246 -22.49 22.81 6.94
N LEU A 247 -23.03 23.81 6.28
CA LEU A 247 -22.29 24.50 5.22
C LEU A 247 -21.11 25.31 5.77
N ALA A 248 -21.34 25.94 6.92
CA ALA A 248 -20.28 26.64 7.67
C ALA A 248 -19.17 25.70 8.04
N ILE A 249 -19.50 24.53 8.62
CA ILE A 249 -18.47 23.53 8.85
C ILE A 249 -17.65 23.27 7.55
N TYR A 250 -18.32 23.14 6.43
CA TYR A 250 -17.64 22.88 5.17
C TYR A 250 -16.73 24.02 4.70
N TYR A 251 -17.18 25.26 4.87
CA TYR A 251 -16.32 26.39 4.71
C TYR A 251 -14.93 26.12 5.22
N PHE A 252 -14.87 25.56 6.42
CA PHE A 252 -13.62 25.37 7.14
C PHE A 252 -12.93 24.05 6.92
N THR A 253 -13.72 22.99 6.68
CA THR A 253 -13.20 21.63 6.51
C THR A 253 -12.87 21.27 5.07
N ASP A 254 -13.66 21.77 4.13
CA ASP A 254 -13.44 21.47 2.72
C ASP A 254 -13.29 22.75 1.86
N SER A 255 -13.04 23.90 2.50
CA SER A 255 -12.89 25.18 1.81
C SER A 255 -14.10 25.54 0.91
N ALA A 256 -15.31 25.25 1.40
CA ALA A 256 -16.52 25.53 0.64
C ALA A 256 -16.72 27.03 0.52
N GLU A 257 -16.97 27.51 -0.71
CA GLU A 257 -17.22 28.93 -0.98
C GLU A 257 -18.70 29.20 -0.85
N LEU A 258 -19.07 30.03 0.12
CA LEU A 258 -20.45 30.42 0.39
C LEU A 258 -20.96 31.48 -0.60
N ASP A 259 -21.23 31.03 -1.82
CA ASP A 259 -21.66 31.90 -2.89
C ASP A 259 -22.70 31.16 -3.71
N LYS A 260 -23.84 31.80 -3.97
CA LYS A 260 -24.97 31.12 -4.60
C LYS A 260 -24.63 30.53 -5.97
N ASP A 261 -23.81 31.23 -6.75
CA ASP A 261 -23.35 30.73 -8.06
C ASP A 261 -22.54 29.46 -7.90
N LYS A 262 -21.47 29.56 -7.12
CA LYS A 262 -20.54 28.43 -6.91
C LYS A 262 -21.21 27.24 -6.24
N LEU A 263 -22.29 27.46 -5.50
CA LEU A 263 -22.99 26.38 -4.82
C LEU A 263 -24.04 25.66 -5.63
N LYS A 264 -24.33 26.11 -6.85
CA LYS A 264 -25.47 25.57 -7.60
C LYS A 264 -25.51 24.02 -7.59
N ASP A 265 -24.35 23.38 -7.75
CA ASP A 265 -24.27 21.92 -7.89
C ASP A 265 -23.56 21.23 -6.73
N TYR A 266 -23.51 21.90 -5.58
CA TYR A 266 -22.60 21.52 -4.51
C TYR A 266 -23.36 20.79 -3.44
N HIS A 267 -23.42 19.48 -3.61
CA HIS A 267 -23.99 18.60 -2.62
C HIS A 267 -25.38 19.02 -2.18
N GLY A 268 -26.19 19.53 -3.09
CA GLY A 268 -27.60 19.83 -2.79
C GLY A 268 -27.88 21.18 -2.13
N PHE A 269 -26.83 21.99 -2.03
CA PHE A 269 -26.88 23.33 -1.44
C PHE A 269 -27.28 24.44 -2.42
N GLY A 270 -27.56 24.08 -3.67
CA GLY A 270 -28.22 24.99 -4.59
C GLY A 270 -29.58 25.34 -4.01
N ASP A 271 -30.29 24.32 -3.52
CA ASP A 271 -31.63 24.50 -2.93
C ASP A 271 -31.67 25.44 -1.72
N MET A 272 -30.51 25.96 -1.32
CA MET A 272 -30.42 26.92 -0.21
C MET A 272 -30.76 28.33 -0.66
N ASN A 273 -31.79 28.88 -0.04
CA ASN A 273 -32.23 30.24 -0.32
C ASN A 273 -31.25 31.26 0.25
N ASP A 274 -31.48 32.54 -0.04
CA ASP A 274 -30.47 33.56 0.24
C ASP A 274 -30.31 33.89 1.72
N SER A 275 -31.42 33.94 2.44
CA SER A 275 -31.34 34.25 3.85
C SER A 275 -30.72 33.07 4.62
N THR A 276 -31.02 31.84 4.20
CA THR A 276 -30.44 30.71 4.88
C THR A 276 -28.93 30.74 4.68
N LEU A 277 -28.51 31.15 3.49
CA LEU A 277 -27.10 31.29 3.16
C LEU A 277 -26.49 32.41 3.98
N ALA A 278 -27.21 33.50 4.16
CA ALA A 278 -26.68 34.64 4.91
C ALA A 278 -26.29 34.25 6.34
N VAL A 279 -27.13 33.41 6.95
CA VAL A 279 -26.88 32.91 8.30
C VAL A 279 -25.59 32.09 8.30
N ALA A 280 -25.48 31.18 7.34
CA ALA A 280 -24.22 30.44 7.17
C ALA A 280 -23.03 31.38 7.19
N LYS A 281 -23.16 32.54 6.56
CA LYS A 281 -22.07 33.55 6.58
C LYS A 281 -21.89 34.13 7.98
N ILE A 282 -22.98 34.50 8.63
CA ILE A 282 -22.91 34.94 10.02
C ILE A 282 -22.17 33.93 10.94
N LEU A 283 -22.39 32.63 10.75
CA LEU A 283 -21.73 31.63 11.52
C LEU A 283 -20.23 31.65 11.25
N VAL A 284 -19.85 31.66 9.98
CA VAL A 284 -18.42 31.71 9.66
C VAL A 284 -17.72 32.97 10.18
N GLU A 285 -18.43 34.09 10.13
CA GLU A 285 -17.88 35.38 10.52
C GLU A 285 -17.77 35.48 12.01
N TYR A 286 -18.70 34.84 12.72
CA TYR A 286 -18.61 34.82 14.17
C TYR A 286 -17.42 33.96 14.54
N ALA A 287 -17.39 32.76 14.01
CA ALA A 287 -16.27 31.87 14.33
C ALA A 287 -14.88 32.52 14.03
N GLN A 288 -14.77 33.21 12.92
CA GLN A 288 -13.51 33.89 12.57
C GLN A 288 -13.11 35.03 13.53
N ASP A 289 -14.10 35.68 14.13
CA ASP A 289 -13.86 36.71 15.15
C ASP A 289 -13.15 36.21 16.46
N SER A 290 -12.63 37.17 17.23
CA SER A 290 -11.62 36.89 18.26
C SER A 290 -12.16 36.40 19.57
N ASN A 291 -13.47 36.34 19.72
CA ASN A 291 -14.02 35.84 20.99
C ASN A 291 -13.55 34.45 21.26
N PRO A 292 -13.25 34.15 22.53
CA PRO A 292 -13.04 32.72 22.84
C PRO A 292 -14.32 31.95 22.55
N PRO A 293 -14.20 30.69 22.10
CA PRO A 293 -15.33 29.75 22.08
C PRO A 293 -15.92 29.56 23.46
N GLN A 294 -17.25 29.64 23.60
CA GLN A 294 -17.91 29.28 24.91
C GLN A 294 -17.97 27.78 25.19
N LEU A 295 -17.83 26.96 24.15
CA LEU A 295 -17.79 25.50 24.28
C LEU A 295 -16.39 25.03 24.62
N THR A 296 -16.30 24.17 25.63
CA THR A 296 -14.99 23.71 26.09
C THR A 296 -14.55 22.51 25.26
N ASP A 297 -15.55 21.78 24.74
CA ASP A 297 -15.38 20.41 24.18
C ASP A 297 -16.66 19.84 23.53
N LEU A 298 -16.45 19.01 22.50
CA LEU A 298 -17.50 18.42 21.70
C LEU A 298 -17.20 16.97 21.40
N ASP A 299 -18.23 16.15 21.29
CA ASP A 299 -18.06 14.80 20.80
C ASP A 299 -17.68 14.77 19.32
N PHE A 300 -16.86 13.80 18.94
CA PHE A 300 -16.49 13.57 17.54
C PHE A 300 -16.47 12.08 17.27
N PHE A 301 -16.86 11.70 16.07
CA PHE A 301 -17.01 10.31 15.64
C PHE A 301 -16.27 10.01 14.31
N ILE A 302 -15.58 8.88 14.34
CA ILE A 302 -14.79 8.41 13.22
C ILE A 302 -15.32 7.03 12.88
N PRO A 303 -15.72 6.84 11.62
CA PRO A 303 -16.28 5.58 11.15
C PRO A 303 -15.24 4.49 10.88
N ASN A 304 -15.70 3.25 10.92
CA ASN A 304 -14.89 2.09 10.57
C ASN A 304 -14.81 1.77 9.07
N ASN A 305 -15.02 2.77 8.24
CA ASN A 305 -14.84 2.67 6.79
C ASN A 305 -14.38 4.01 6.28
N ASN A 306 -13.15 4.05 5.79
CA ASN A 306 -12.48 5.29 5.34
C ASN A 306 -13.14 6.07 4.23
N LYS A 307 -14.04 5.45 3.48
CA LYS A 307 -14.81 6.20 2.51
C LYS A 307 -15.98 6.99 3.09
N TYR A 308 -16.32 6.75 4.36
CA TYR A 308 -17.41 7.47 5.08
C TYR A 308 -16.92 8.70 5.81
N GLN A 309 -17.85 9.59 6.13
CA GLN A 309 -17.43 10.87 6.69
C GLN A 309 -17.32 10.85 8.19
N SER A 310 -16.36 11.60 8.71
CA SER A 310 -16.28 11.82 10.14
C SER A 310 -17.30 12.85 10.58
N LEU A 311 -17.84 12.68 11.77
CA LEU A 311 -18.92 13.53 12.26
C LEU A 311 -18.53 14.36 13.47
N ILE A 312 -18.92 15.62 13.47
CA ILE A 312 -18.61 16.53 14.57
C ILE A 312 -19.93 16.69 15.29
N GLY A 313 -19.92 16.43 16.60
CA GLY A 313 -21.14 16.41 17.36
C GLY A 313 -21.56 17.76 17.86
N THR A 314 -22.70 17.80 18.54
CA THR A 314 -23.19 19.06 19.05
C THR A 314 -23.26 19.04 20.52
N GLN A 315 -22.87 17.92 21.10
CA GLN A 315 -22.99 17.69 22.52
C GLN A 315 -21.62 17.23 23.01
N TRP A 316 -21.54 16.96 24.31
CA TRP A 316 -20.29 16.64 24.93
C TRP A 316 -20.53 15.61 26.03
N HIS A 317 -19.91 14.45 25.89
CA HIS A 317 -20.09 13.35 26.84
C HIS A 317 -18.75 12.74 27.25
N PRO A 318 -18.08 13.34 28.23
CA PRO A 318 -16.79 12.86 28.70
C PRO A 318 -16.80 11.62 29.57
N GLU A 319 -17.93 11.20 30.11
CA GLU A 319 -17.97 10.01 31.03
C GLU A 319 -17.26 8.80 30.47
N ASP A 320 -17.45 8.56 29.19
CA ASP A 320 -17.02 7.30 28.59
C ASP A 320 -15.58 7.30 28.10
N LEU A 321 -14.97 8.47 28.04
CA LEU A 321 -13.69 8.64 27.37
C LEU A 321 -12.54 8.44 28.32
N VAL A 322 -11.52 7.71 27.88
CA VAL A 322 -10.37 7.52 28.72
C VAL A 322 -9.14 8.02 27.97
N ASP A 323 -8.02 8.14 28.66
CA ASP A 323 -6.82 8.69 28.03
C ASP A 323 -6.23 7.68 27.04
N ILE A 324 -5.87 8.18 25.87
CA ILE A 324 -5.22 7.38 24.89
C ILE A 324 -3.84 7.93 24.65
N ILE A 325 -2.85 7.05 24.61
CA ILE A 325 -1.54 7.41 24.12
C ILE A 325 -1.54 7.01 22.68
N ARG A 326 -1.67 8.00 21.83
CA ARG A 326 -1.92 7.77 20.42
C ARG A 326 -0.64 7.93 19.66
N MET A 327 -0.22 6.89 18.94
CA MET A 327 0.97 6.97 18.10
C MET A 327 0.55 6.72 16.68
N GLU A 328 1.01 7.58 15.76
CA GLU A 328 0.57 7.52 14.37
C GLU A 328 1.69 7.21 13.40
N ASP A 329 1.58 6.05 12.75
CA ASP A 329 2.60 5.54 11.84
C ASP A 329 2.39 6.05 10.44
N LYS A 330 3.45 6.53 9.84
CA LYS A 330 3.45 7.01 8.48
C LYS A 330 3.36 5.87 7.45
N LYS A 331 2.36 5.89 6.56
CA LYS A 331 2.35 5.03 5.36
C LYS A 331 3.58 5.37 4.53
N GLU A 332 4.26 4.34 4.04
CA GLU A 332 5.44 4.54 3.20
C GLU A 332 4.96 4.90 1.78
N VAL A 333 5.03 6.21 1.53
CA VAL A 333 4.32 6.89 0.42
C VAL A 333 4.86 6.52 -0.95
N ILE A 334 6.18 6.34 -1.03
CA ILE A 334 6.80 6.01 -2.30
C ILE A 334 7.38 4.60 -2.13
N PRO A 335 6.55 3.57 -2.40
CA PRO A 335 7.02 2.18 -2.20
C PRO A 335 8.34 1.84 -2.94
N VAL A 336 8.81 2.69 -3.86
CA VAL A 336 10.09 2.42 -4.54
C VAL A 336 11.31 2.84 -3.67
N THR A 337 12.23 1.88 -3.53
CA THR A 337 13.46 2.07 -2.74
C THR A 337 14.67 1.59 -3.50
N HIS A 338 15.85 2.05 -3.09
CA HIS A 338 17.03 1.98 -3.93
C HIS A 338 18.31 1.56 -3.21
N ASN A 339 19.31 1.24 -4.02
CA ASN A 339 20.62 0.77 -3.56
C ASN A 339 21.75 1.74 -3.86
N LEU A 340 22.74 1.74 -2.97
CA LEU A 340 23.92 2.57 -3.09
C LEU A 340 25.15 1.73 -2.73
N THR A 341 26.05 1.55 -3.70
CA THR A 341 27.21 0.70 -3.50
C THR A 341 28.51 1.49 -3.46
N LEU A 342 29.32 1.26 -2.41
CA LEU A 342 30.68 1.84 -2.30
C LEU A 342 31.71 0.78 -2.59
N ARG A 343 32.73 1.12 -3.34
CA ARG A 343 33.82 0.18 -3.63
C ARG A 343 35.15 0.82 -3.34
N LYS A 344 36.14 0.02 -2.99
CA LYS A 344 37.48 0.54 -2.84
C LYS A 344 38.43 -0.25 -3.70
N THR A 345 39.23 0.48 -4.45
CA THR A 345 40.33 -0.11 -5.20
C THR A 345 41.57 0.69 -4.91
N VAL A 346 42.68 0.00 -4.67
CA VAL A 346 43.98 0.63 -4.41
C VAL A 346 44.89 0.36 -5.58
N THR A 347 45.67 1.37 -5.99
CA THR A 347 46.58 1.23 -7.14
C THR A 347 47.93 1.88 -6.89
N GLY A 348 48.86 1.65 -7.83
CA GLY A 348 50.22 2.17 -7.73
C GLY A 348 51.08 1.19 -6.94
N LEU A 349 52.38 1.19 -7.21
CA LEU A 349 53.27 0.21 -6.60
C LEU A 349 53.31 0.28 -5.05
N ALA A 350 53.00 1.42 -4.46
CA ALA A 350 53.09 1.62 -3.01
C ALA A 350 51.74 1.68 -2.29
N GLY A 351 50.71 1.01 -2.81
CA GLY A 351 49.39 1.03 -2.20
C GLY A 351 49.13 -0.15 -1.27
N ASP A 352 48.71 0.14 -0.03
CA ASP A 352 48.45 -0.89 0.97
C ASP A 352 47.12 -1.57 0.71
N ARG A 353 47.16 -2.80 0.22
CA ARG A 353 45.96 -3.52 -0.22
C ARG A 353 45.16 -4.06 0.96
N THR A 354 45.72 -3.98 2.17
CA THR A 354 45.06 -4.44 3.38
C THR A 354 44.80 -3.29 4.37
N LYS A 355 45.03 -2.06 3.93
CA LYS A 355 44.62 -0.90 4.70
C LYS A 355 43.09 -0.82 4.70
N ASP A 356 42.54 -0.47 5.85
CA ASP A 356 41.14 -0.11 5.94
C ASP A 356 41.06 1.39 5.69
N PHE A 357 40.33 1.76 4.65
CA PHE A 357 39.99 3.14 4.38
C PHE A 357 38.61 3.35 4.97
N HIS A 358 38.39 4.55 5.54
CA HIS A 358 37.14 4.85 6.24
C HIS A 358 36.32 5.87 5.49
N PHE A 359 35.00 5.68 5.54
CA PHE A 359 34.05 6.49 4.80
C PHE A 359 32.96 6.98 5.72
N GLU A 360 32.85 8.30 5.88
CA GLU A 360 31.72 8.88 6.60
C GLU A 360 30.60 9.10 5.58
N ILE A 361 29.42 8.57 5.85
CA ILE A 361 28.26 8.72 4.96
C ILE A 361 27.14 9.49 5.66
N GLU A 362 26.73 10.60 5.06
CA GLU A 362 25.59 11.38 5.54
C GLU A 362 24.46 11.23 4.53
N LEU A 363 23.29 10.78 4.99
CA LEU A 363 22.13 10.67 4.12
C LEU A 363 21.05 11.61 4.54
N LYS A 364 20.41 12.26 3.57
CA LYS A 364 19.22 13.04 3.82
C LYS A 364 18.12 12.54 2.91
N ASN A 365 16.89 12.56 3.41
CA ASN A 365 15.76 12.04 2.67
C ASN A 365 15.21 13.01 1.64
N ASN A 366 14.21 12.50 0.92
CA ASN A 366 13.40 13.25 -0.03
C ASN A 366 13.09 14.68 0.41
N LYS A 367 12.58 14.82 1.64
CA LYS A 367 12.21 16.13 2.20
C LYS A 367 13.33 16.77 3.02
N GLN A 368 14.58 16.47 2.69
CA GLN A 368 15.71 17.19 3.22
C GLN A 368 16.01 16.94 4.72
N GLU A 369 15.61 15.78 5.23
CA GLU A 369 15.77 15.46 6.65
C GLU A 369 16.79 14.36 6.87
N LEU A 370 17.58 14.51 7.92
CA LEU A 370 18.60 13.53 8.25
C LEU A 370 17.97 12.18 8.57
N LEU A 371 18.66 11.10 8.28
CA LEU A 371 18.15 9.76 8.56
C LEU A 371 18.63 9.25 9.91
N SER A 372 17.67 9.10 10.83
CA SER A 372 17.90 8.45 12.12
C SER A 372 17.21 7.11 12.09
N GLN A 373 17.86 6.12 11.48
CA GLN A 373 17.28 4.79 11.35
C GLN A 373 18.29 3.75 10.94
N THR A 374 17.91 2.48 11.11
CA THR A 374 18.73 1.34 10.72
C THR A 374 18.68 1.22 9.19
N VAL A 375 19.73 0.66 8.61
CA VAL A 375 19.83 0.46 7.16
C VAL A 375 20.41 -0.91 6.84
N LYS A 376 19.80 -1.57 5.87
CA LYS A 376 20.18 -2.92 5.46
C LYS A 376 21.29 -2.95 4.43
N THR A 377 22.10 -4.02 4.47
CA THR A 377 23.25 -4.17 3.60
C THR A 377 23.41 -5.63 3.20
N ASP A 378 24.38 -5.92 2.34
CA ASP A 378 24.72 -7.32 2.01
C ASP A 378 25.54 -7.99 3.14
N LYS A 379 26.03 -7.19 4.09
CA LYS A 379 26.70 -7.70 5.29
C LYS A 379 25.88 -7.30 6.53
N THR A 380 26.53 -7.04 7.66
CA THR A 380 25.83 -6.66 8.89
C THR A 380 25.14 -5.31 8.70
N ASN A 381 24.20 -4.99 9.58
CA ASN A 381 23.40 -3.79 9.42
C ASN A 381 24.07 -2.56 9.99
N LEU A 382 23.51 -1.40 9.64
CA LEU A 382 24.16 -0.13 9.84
C LEU A 382 23.19 0.87 10.43
N GLU A 383 23.46 1.30 11.65
CA GLU A 383 22.63 2.30 12.34
C GLU A 383 23.08 3.72 11.93
N PHE A 384 22.11 4.53 11.50
CA PHE A 384 22.37 5.92 11.16
C PHE A 384 21.88 6.82 12.27
N LYS A 385 22.81 7.60 12.81
CA LYS A 385 22.53 8.49 13.92
C LYS A 385 22.68 9.92 13.45
N ASP A 386 21.55 10.58 13.25
CA ASP A 386 21.51 11.99 12.89
C ASP A 386 22.06 12.16 11.48
N GLY A 387 21.64 11.25 10.59
CA GLY A 387 22.07 11.25 9.21
C GLY A 387 23.39 10.55 8.91
N LYS A 388 24.17 10.25 9.94
CA LYS A 388 25.53 9.74 9.73
C LYS A 388 25.70 8.24 10.03
N ALA A 389 26.78 7.71 9.48
CA ALA A 389 27.26 6.39 9.80
C ALA A 389 28.67 6.27 9.18
N THR A 390 29.46 5.35 9.69
CA THR A 390 30.83 5.15 9.22
C THR A 390 31.07 3.69 8.86
N ILE A 391 31.66 3.46 7.70
CA ILE A 391 32.05 2.12 7.30
C ILE A 391 33.51 2.11 6.92
N ASN A 392 34.04 0.92 6.70
CA ASN A 392 35.37 0.80 6.13
C ASN A 392 35.46 -0.30 5.11
N LEU A 393 36.47 -0.19 4.26
CA LEU A 393 36.71 -1.13 3.18
C LEU A 393 38.20 -1.16 2.85
N LYS A 394 38.68 -2.29 2.33
CA LYS A 394 40.03 -2.41 1.79
C LYS A 394 39.94 -2.69 0.30
N HIS A 395 41.08 -2.66 -0.37
CA HIS A 395 41.15 -2.96 -1.81
C HIS A 395 40.34 -4.21 -2.10
N GLY A 396 39.29 -4.08 -2.92
CA GLY A 396 38.50 -5.23 -3.35
C GLY A 396 37.20 -5.46 -2.59
N GLU A 397 37.09 -4.86 -1.41
CA GLU A 397 35.86 -4.99 -0.64
C GLU A 397 34.85 -3.96 -1.13
N SER A 398 33.57 -4.29 -0.98
CA SER A 398 32.51 -3.38 -1.29
C SER A 398 31.35 -3.56 -0.31
N LEU A 399 30.40 -2.63 -0.34
CA LEU A 399 29.24 -2.69 0.52
C LEU A 399 28.06 -2.04 -0.19
N THR A 400 26.92 -2.73 -0.20
CA THR A 400 25.73 -2.18 -0.81
C THR A 400 24.72 -1.82 0.27
N LEU A 401 24.32 -0.55 0.29
CA LEU A 401 23.20 -0.11 1.12
C LEU A 401 21.94 -0.46 0.37
N GLN A 402 20.87 -0.72 1.11
CA GLN A 402 19.64 -1.24 0.51
C GLN A 402 18.43 -0.51 1.05
N GLY A 403 17.46 -0.31 0.17
CA GLY A 403 16.16 0.18 0.58
C GLY A 403 16.14 1.62 1.03
N LEU A 404 16.88 2.47 0.33
CA LEU A 404 16.87 3.91 0.61
C LEU A 404 15.72 4.54 -0.18
N PRO A 405 15.15 5.62 0.34
CA PRO A 405 13.93 6.16 -0.23
C PRO A 405 14.15 6.92 -1.53
N GLU A 406 13.06 7.16 -2.26
CA GLU A 406 13.10 8.00 -3.44
C GLU A 406 13.47 9.44 -3.07
N GLY A 407 14.16 10.12 -3.99
CA GLY A 407 14.59 11.50 -3.79
C GLY A 407 15.69 11.71 -2.76
N TYR A 408 16.26 10.63 -2.22
CA TYR A 408 17.29 10.78 -1.19
C TYR A 408 18.55 11.40 -1.80
N SER A 409 19.37 11.95 -0.92
CA SER A 409 20.63 12.57 -1.30
C SER A 409 21.73 12.00 -0.41
N TYR A 410 22.95 11.92 -0.94
CA TYR A 410 24.09 11.53 -0.13
C TYR A 410 25.23 12.56 -0.14
N LEU A 411 25.97 12.57 0.97
CA LEU A 411 27.29 13.17 1.04
C LEU A 411 28.24 12.09 1.58
N VAL A 412 29.30 11.79 0.86
CA VAL A 412 30.23 10.74 1.27
C VAL A 412 31.68 11.19 1.22
N LYS A 413 32.42 10.93 2.29
CA LYS A 413 33.83 11.29 2.33
C LYS A 413 34.69 10.14 2.79
N GLU A 414 35.84 9.99 2.12
CA GLU A 414 36.88 9.11 2.55
C GLU A 414 37.77 9.91 3.51
N THR A 415 37.79 9.49 4.77
CA THR A 415 38.37 10.30 5.85
C THR A 415 39.90 10.15 6.05
N ASP A 416 40.47 9.02 5.62
CA ASP A 416 41.92 8.78 5.75
C ASP A 416 42.61 8.53 4.39
N SER A 417 42.61 9.56 3.54
CA SER A 417 43.25 9.49 2.23
C SER A 417 44.71 9.90 2.28
N GLU A 418 45.17 10.36 3.45
CA GLU A 418 46.53 10.90 3.58
C GLU A 418 47.52 9.99 2.86
N GLY A 419 48.26 10.60 1.94
CA GLY A 419 49.23 9.90 1.12
C GLY A 419 48.71 9.48 -0.25
N TYR A 420 47.40 9.35 -0.40
CA TYR A 420 46.87 8.77 -1.62
C TYR A 420 46.20 9.82 -2.45
N LYS A 421 46.44 9.77 -3.76
CA LYS A 421 45.64 10.47 -4.74
C LYS A 421 44.32 9.74 -4.90
N VAL A 422 43.21 10.48 -4.84
CA VAL A 422 41.89 9.87 -4.77
C VAL A 422 41.01 10.27 -5.93
N LYS A 423 40.48 9.26 -6.61
CA LYS A 423 39.51 9.43 -7.65
C LYS A 423 38.22 8.72 -7.23
N VAL A 424 37.09 9.29 -7.62
CA VAL A 424 35.80 8.65 -7.47
C VAL A 424 35.15 8.60 -8.83
N ASN A 425 34.67 7.40 -9.20
CA ASN A 425 34.19 7.14 -10.54
C ASN A 425 35.03 7.85 -11.58
N SER A 426 36.33 7.60 -11.45
CA SER A 426 37.43 8.11 -12.27
C SER A 426 37.61 9.64 -12.33
N GLN A 427 37.00 10.38 -11.40
CA GLN A 427 37.17 11.83 -11.29
C GLN A 427 38.06 12.17 -10.12
N GLU A 428 39.16 12.88 -10.37
CA GLU A 428 40.04 13.37 -9.28
C GLU A 428 39.22 14.19 -8.31
N VAL A 429 39.40 13.88 -7.04
CA VAL A 429 38.58 14.50 -6.01
C VAL A 429 39.49 14.92 -4.82
N ALA A 430 39.89 16.19 -4.84
CA ALA A 430 40.93 16.70 -3.93
C ALA A 430 40.60 16.45 -2.48
N ASN A 431 39.46 16.94 -1.99
CA ASN A 431 39.06 16.68 -0.61
C ASN A 431 38.38 15.33 -0.39
N ALA A 432 38.57 14.38 -1.31
CA ALA A 432 38.06 13.02 -1.16
C ALA A 432 36.56 12.92 -0.86
N THR A 433 35.80 13.96 -1.22
CA THR A 433 34.38 14.05 -0.88
C THR A 433 33.48 14.26 -2.12
N VAL A 434 32.32 13.61 -2.15
CA VAL A 434 31.35 13.78 -3.26
C VAL A 434 29.91 13.82 -2.76
N SER A 435 29.01 14.44 -3.53
CA SER A 435 27.62 14.44 -3.18
C SER A 435 26.70 14.31 -4.40
N LYS A 436 25.42 14.03 -4.14
CA LYS A 436 24.44 13.86 -5.19
C LYS A 436 23.06 13.95 -4.58
N THR A 437 22.20 14.84 -5.07
CA THR A 437 20.84 14.98 -4.53
C THR A 437 19.78 14.46 -5.50
N GLY A 438 18.63 14.08 -4.96
CA GLY A 438 17.48 13.73 -5.78
C GLY A 438 17.66 12.44 -6.56
N ILE A 439 17.94 11.36 -5.84
CA ILE A 439 18.36 10.12 -6.47
C ILE A 439 17.18 9.18 -6.76
N THR A 440 17.00 8.88 -8.05
CA THR A 440 15.85 8.13 -8.54
C THR A 440 16.21 6.72 -9.04
N SER A 441 17.39 6.24 -8.66
CA SER A 441 17.84 4.94 -9.12
C SER A 441 19.07 4.49 -8.34
N ASP A 442 19.51 3.27 -8.61
CA ASP A 442 20.71 2.75 -7.95
C ASP A 442 21.94 3.56 -8.36
N GLU A 443 22.88 3.70 -7.44
CA GLU A 443 24.03 4.59 -7.60
C GLU A 443 25.26 3.89 -7.10
N THR A 444 26.41 4.18 -7.71
CA THR A 444 27.66 3.56 -7.31
C THR A 444 28.79 4.57 -7.13
N LEU A 445 29.51 4.44 -6.02
CA LEU A 445 30.73 5.21 -5.77
C LEU A 445 31.95 4.30 -5.70
N ALA A 446 32.74 4.32 -6.78
CA ALA A 446 33.93 3.51 -6.89
C ALA A 446 35.14 4.37 -6.59
N PHE A 447 35.64 4.25 -5.36
CA PHE A 447 36.79 5.03 -4.95
C PHE A 447 38.07 4.35 -5.40
N GLU A 448 38.95 5.12 -6.04
CA GLU A 448 40.30 4.66 -6.31
C GLU A 448 41.23 5.35 -5.34
N ASN A 449 42.06 4.58 -4.66
CA ASN A 449 43.13 5.17 -3.89
C ASN A 449 44.45 4.79 -4.56
N ASN A 450 45.13 5.80 -5.11
CA ASN A 450 46.38 5.60 -5.82
C ASN A 450 47.55 6.03 -4.94
N LYS A 451 48.64 5.27 -4.97
CA LYS A 451 49.92 5.76 -4.37
C LYS A 451 51.13 5.19 -5.10
N GLU A 452 51.77 6.08 -5.87
CA GLU A 452 52.94 5.75 -6.66
C GLU A 452 54.14 6.08 -5.76
N PRO A 453 55.28 5.35 -5.92
CA PRO A 453 56.52 5.69 -5.18
C PRO A 453 57.37 6.78 -5.84
N THR B 25 -18.47 -27.69 -11.81
CA THR B 25 -17.05 -27.38 -11.40
C THR B 25 -16.99 -26.46 -10.22
N SER B 26 -16.09 -26.76 -9.29
CA SER B 26 -15.86 -25.88 -8.13
C SER B 26 -14.78 -24.84 -8.40
N VAL B 27 -15.10 -23.57 -8.11
CA VAL B 27 -14.10 -22.50 -8.16
C VAL B 27 -14.19 -21.64 -6.93
N LEU B 28 -13.06 -21.01 -6.59
CA LEU B 28 -13.03 -19.95 -5.60
C LEU B 28 -12.54 -18.68 -6.24
N ILE B 29 -13.20 -17.57 -5.92
CA ILE B 29 -12.79 -16.27 -6.41
C ILE B 29 -12.02 -15.63 -5.29
N ARG B 30 -10.76 -15.26 -5.55
CA ARG B 30 -9.91 -14.70 -4.54
C ARG B 30 -9.27 -13.41 -5.01
N LYS B 31 -9.34 -12.40 -4.16
CA LYS B 31 -8.76 -11.10 -4.44
C LYS B 31 -7.47 -10.95 -3.63
N TYR B 32 -6.39 -10.62 -4.31
CA TYR B 32 -5.11 -10.42 -3.67
C TYR B 32 -4.62 -9.01 -3.98
N ALA B 33 -3.67 -8.54 -3.19
CA ALA B 33 -2.99 -7.27 -3.44
C ALA B 33 -1.65 -7.55 -4.13
N ILE B 34 -1.37 -6.88 -5.24
CA ILE B 34 -0.08 -7.04 -5.88
C ILE B 34 1.02 -6.69 -4.87
N GLY B 35 2.02 -7.56 -4.72
CA GLY B 35 3.14 -7.34 -3.82
C GLY B 35 2.98 -7.79 -2.36
N ASP B 36 1.76 -8.07 -1.90
CA ASP B 36 1.51 -8.53 -0.51
C ASP B 36 0.44 -9.62 -0.49
N TYR B 37 0.90 -10.86 -0.46
CA TYR B 37 0.02 -12.04 -0.45
C TYR B 37 -0.21 -12.65 0.94
N SER B 38 0.12 -11.94 2.01
CA SER B 38 -0.05 -12.46 3.39
C SER B 38 -1.51 -12.60 3.82
N LYS B 39 -2.41 -11.87 3.17
CA LYS B 39 -3.84 -12.16 3.28
C LYS B 39 -4.57 -11.75 2.03
N LEU B 40 -5.77 -12.25 1.88
CA LEU B 40 -6.60 -11.87 0.74
C LEU B 40 -7.07 -10.45 1.00
N LEU B 41 -7.31 -9.71 -0.08
CA LEU B 41 -7.68 -8.30 -0.01
C LEU B 41 -9.18 -8.21 0.05
N GLU B 42 -9.69 -7.73 1.19
CA GLU B 42 -11.10 -7.71 1.49
C GLU B 42 -11.79 -6.42 1.07
N GLY B 43 -13.09 -6.52 0.80
CA GLY B 43 -13.92 -5.34 0.54
C GLY B 43 -13.75 -4.78 -0.86
N ALA B 44 -13.56 -5.66 -1.83
CA ALA B 44 -13.59 -5.27 -3.21
C ALA B 44 -14.93 -5.76 -3.67
N THR B 45 -15.62 -4.94 -4.46
CA THR B 45 -16.94 -5.23 -4.92
C THR B 45 -16.78 -5.90 -6.28
N LEU B 46 -17.17 -7.17 -6.36
CA LEU B 46 -16.92 -7.99 -7.52
C LEU B 46 -18.18 -8.50 -8.15
N GLN B 47 -18.15 -8.59 -9.48
CA GLN B 47 -19.29 -9.06 -10.26
C GLN B 47 -18.87 -10.17 -11.20
N LEU B 48 -19.68 -11.22 -11.22
CA LEU B 48 -19.40 -12.36 -12.05
C LEU B 48 -20.57 -12.52 -13.03
N THR B 49 -20.20 -12.59 -14.31
CA THR B 49 -21.11 -12.49 -15.44
C THR B 49 -20.86 -13.67 -16.38
N GLY B 50 -21.94 -14.21 -16.97
CA GLY B 50 -21.82 -15.36 -17.89
C GLY B 50 -22.64 -15.25 -19.16
N ASP B 51 -22.98 -16.43 -19.70
CA ASP B 51 -23.66 -16.61 -21.00
C ASP B 51 -25.13 -17.09 -20.83
N ASN B 52 -25.37 -18.06 -19.94
CA ASN B 52 -26.69 -18.66 -19.59
C ASN B 52 -26.66 -20.18 -19.70
N PHE B 56 -27.37 -19.36 -15.89
CA PHE B 56 -26.52 -18.85 -14.79
C PHE B 56 -26.95 -17.43 -14.41
N GLN B 57 -27.04 -17.18 -13.12
CA GLN B 57 -27.61 -15.94 -12.63
C GLN B 57 -26.48 -15.00 -12.17
N ALA B 58 -26.14 -13.98 -12.97
CA ALA B 58 -25.07 -13.00 -12.60
C ALA B 58 -25.23 -12.46 -11.17
N ARG B 59 -24.12 -12.23 -10.49
CA ARG B 59 -24.17 -11.91 -9.05
C ARG B 59 -23.07 -10.98 -8.60
N VAL B 60 -23.37 -10.19 -7.59
CA VAL B 60 -22.39 -9.28 -7.00
C VAL B 60 -22.09 -9.68 -5.55
N PHE B 61 -20.82 -9.52 -5.16
CA PHE B 61 -20.38 -9.90 -3.81
C PHE B 61 -19.17 -9.13 -3.38
N SER B 62 -18.85 -9.23 -2.09
CA SER B 62 -17.68 -8.56 -1.52
C SER B 62 -16.53 -9.54 -1.33
N SER B 63 -15.33 -9.19 -1.81
CA SER B 63 -14.16 -10.06 -1.64
C SER B 63 -13.90 -10.25 -0.16
N ASN B 64 -13.61 -11.48 0.24
CA ASN B 64 -13.52 -11.87 1.63
C ASN B 64 -12.22 -12.63 2.01
N ASP B 65 -12.08 -13.01 3.26
CA ASP B 65 -10.83 -13.57 3.72
C ASP B 65 -10.50 -15.00 3.25
N ILE B 66 -11.42 -15.73 2.64
CA ILE B 66 -11.10 -17.12 2.23
C ILE B 66 -11.34 -17.41 0.76
N GLY B 67 -12.24 -16.65 0.16
CA GLY B 67 -12.58 -16.83 -1.25
C GLY B 67 -14.07 -16.98 -1.37
N GLU B 68 -14.59 -16.81 -2.56
CA GLU B 68 -16.03 -16.96 -2.82
C GLU B 68 -16.19 -18.26 -3.55
N ARG B 69 -16.88 -19.21 -2.91
CA ARG B 69 -17.05 -20.57 -3.46
C ARG B 69 -18.30 -20.60 -4.32
N ILE B 70 -18.17 -21.11 -5.54
CA ILE B 70 -19.27 -21.18 -6.48
C ILE B 70 -19.20 -22.46 -7.29
N GLU B 71 -20.35 -23.10 -7.51
CA GLU B 71 -20.44 -24.27 -8.39
C GLU B 71 -20.98 -23.88 -9.77
N LEU B 72 -20.22 -24.14 -10.81
CA LEU B 72 -20.48 -23.60 -12.15
C LEU B 72 -20.68 -24.65 -13.26
N SER B 73 -21.69 -24.40 -14.09
CA SER B 73 -21.90 -25.13 -15.34
C SER B 73 -20.88 -24.70 -16.37
N ASP B 74 -20.68 -25.53 -17.39
CA ASP B 74 -19.74 -25.20 -18.46
C ASP B 74 -20.25 -23.94 -19.14
N GLY B 75 -19.33 -23.13 -19.63
CA GLY B 75 -19.70 -21.85 -20.23
C GLY B 75 -18.59 -20.84 -20.05
N THR B 76 -18.80 -19.62 -20.52
CA THR B 76 -17.79 -18.58 -20.42
C THR B 76 -18.25 -17.52 -19.44
N TYR B 77 -17.38 -17.22 -18.48
CA TYR B 77 -17.68 -16.27 -17.41
C TYR B 77 -16.67 -15.14 -17.37
N THR B 78 -17.05 -14.05 -16.69
CA THR B 78 -16.25 -12.84 -16.63
C THR B 78 -16.33 -12.15 -15.27
N LEU B 79 -15.19 -11.98 -14.62
CA LEU B 79 -15.15 -11.40 -13.30
C LEU B 79 -14.76 -9.96 -13.49
N THR B 80 -15.54 -9.07 -12.90
CA THR B 80 -15.35 -7.64 -13.05
C THR B 80 -15.32 -6.98 -11.68
N GLU B 81 -14.45 -6.01 -11.50
CA GLU B 81 -14.38 -5.28 -10.25
C GLU B 81 -15.14 -3.97 -10.37
N LEU B 82 -16.31 -3.88 -9.74
CA LEU B 82 -17.15 -2.69 -9.82
C LEU B 82 -16.53 -1.51 -9.08
N ASN B 83 -15.85 -1.81 -7.99
CA ASN B 83 -14.83 -0.89 -7.47
C ASN B 83 -13.99 -1.56 -6.42
N SER B 84 -12.96 -0.84 -6.00
CA SER B 84 -11.89 -1.40 -5.22
C SER B 84 -11.84 -0.79 -3.84
N PRO B 85 -11.14 -1.47 -2.90
CA PRO B 85 -10.95 -0.84 -1.60
C PRO B 85 -10.14 0.44 -1.74
N ALA B 86 -10.42 1.42 -0.88
CA ALA B 86 -9.68 2.67 -0.86
C ALA B 86 -8.20 2.41 -1.01
N GLY B 87 -7.59 3.15 -1.95
CA GLY B 87 -6.13 3.10 -2.18
C GLY B 87 -5.69 2.14 -3.27
N TYR B 88 -6.64 1.58 -4.00
CA TYR B 88 -6.33 0.58 -4.99
C TYR B 88 -6.94 0.96 -6.32
N SER B 89 -6.25 0.62 -7.39
CA SER B 89 -6.80 0.80 -8.72
C SER B 89 -7.76 -0.33 -8.97
N ILE B 90 -8.71 -0.10 -9.85
CA ILE B 90 -9.56 -1.18 -10.34
C ILE B 90 -8.75 -2.04 -11.31
N ALA B 91 -8.89 -3.36 -11.19
CA ALA B 91 -8.15 -4.30 -12.04
C ALA B 91 -8.88 -4.61 -13.35
N GLU B 92 -8.15 -5.24 -14.27
CA GLU B 92 -8.71 -5.59 -15.57
C GLU B 92 -9.60 -6.81 -15.38
N PRO B 93 -10.76 -6.86 -16.07
CA PRO B 93 -11.66 -7.99 -15.88
C PRO B 93 -11.02 -9.31 -16.32
N ILE B 94 -11.38 -10.41 -15.65
CA ILE B 94 -10.85 -11.70 -15.98
C ILE B 94 -11.94 -12.48 -16.68
N THR B 95 -11.65 -12.99 -17.87
CA THR B 95 -12.58 -13.90 -18.54
C THR B 95 -12.06 -15.32 -18.53
N PHE B 96 -12.93 -16.26 -18.19
CA PHE B 96 -12.53 -17.66 -18.14
C PHE B 96 -13.66 -18.54 -18.61
N LYS B 97 -13.32 -19.79 -18.91
CA LYS B 97 -14.23 -20.76 -19.51
C LYS B 97 -14.19 -22.05 -18.69
N VAL B 98 -15.37 -22.56 -18.34
CA VAL B 98 -15.49 -23.81 -17.60
C VAL B 98 -15.86 -24.87 -18.61
N GLU B 99 -15.14 -26.00 -18.59
CA GLU B 99 -15.44 -27.09 -19.51
C GLU B 99 -15.01 -28.44 -18.93
N ALA B 100 -16.00 -29.30 -18.75
CA ALA B 100 -15.75 -30.70 -18.39
C ALA B 100 -14.94 -30.80 -17.11
N GLY B 101 -15.37 -30.08 -16.08
CA GLY B 101 -14.68 -30.09 -14.78
C GLY B 101 -13.37 -29.32 -14.70
N LYS B 102 -13.07 -28.51 -15.72
CA LYS B 102 -11.81 -27.75 -15.79
C LYS B 102 -12.01 -26.29 -16.22
N VAL B 103 -11.02 -25.47 -15.92
CA VAL B 103 -11.13 -24.04 -16.12
C VAL B 103 -10.03 -23.56 -17.07
N TYR B 104 -10.41 -22.81 -18.10
CA TYR B 104 -9.45 -22.31 -19.08
C TYR B 104 -9.51 -20.78 -19.17
N THR B 105 -8.39 -20.15 -19.51
CA THR B 105 -8.32 -18.69 -19.62
C THR B 105 -7.42 -18.20 -20.76
N GLN B 111 -4.53 -19.39 -25.31
CA GLN B 111 -5.44 -20.06 -24.38
C GLN B 111 -4.74 -21.17 -23.62
N ILE B 112 -4.88 -21.17 -22.30
CA ILE B 112 -4.29 -22.19 -21.45
C ILE B 112 -5.28 -22.77 -20.42
N GLU B 113 -4.81 -23.81 -19.71
CA GLU B 113 -5.48 -24.36 -18.55
C GLU B 113 -5.13 -23.51 -17.30
N ASN B 114 -6.12 -23.25 -16.44
CA ASN B 114 -5.96 -22.35 -15.29
C ASN B 114 -4.75 -22.72 -14.43
N PRO B 115 -3.80 -21.80 -14.29
CA PRO B 115 -2.62 -22.05 -13.47
C PRO B 115 -2.83 -21.83 -11.96
N ASN B 116 -3.87 -21.11 -11.57
CA ASN B 116 -4.07 -20.82 -10.16
C ASN B 116 -4.80 -21.94 -9.44
N LYS B 117 -4.04 -22.71 -8.69
CA LYS B 117 -4.52 -23.84 -7.94
C LYS B 117 -4.06 -23.73 -6.51
N GLU B 118 -5.02 -23.61 -5.59
CA GLU B 118 -4.74 -23.32 -4.18
C GLU B 118 -5.64 -24.12 -3.28
N ILE B 119 -5.25 -24.21 -2.03
CA ILE B 119 -6.04 -24.95 -1.05
C ILE B 119 -7.26 -24.13 -0.66
N VAL B 120 -8.23 -24.77 -0.04
CA VAL B 120 -9.47 -24.12 0.30
C VAL B 120 -9.41 -23.25 1.55
N GLU B 121 -8.95 -23.78 2.68
CA GLU B 121 -8.67 -22.95 3.86
C GLU B 121 -7.24 -22.39 3.71
N PRO B 122 -7.09 -21.10 3.38
CA PRO B 122 -5.74 -20.54 3.23
C PRO B 122 -5.05 -20.34 4.56
N TYR B 123 -3.73 -20.11 4.51
CA TYR B 123 -2.93 -19.89 5.71
C TYR B 123 -3.28 -20.91 6.75
N SER B 124 -3.25 -22.16 6.35
CA SER B 124 -3.62 -23.24 7.23
C SER B 124 -2.52 -24.29 7.31
N VAL B 125 -1.54 -24.23 6.40
CA VAL B 125 -0.49 -25.23 6.35
C VAL B 125 0.68 -24.83 7.24
N GLU B 126 1.18 -25.79 7.99
CA GLU B 126 2.29 -25.55 8.86
C GLU B 126 3.63 -25.75 8.17
N ALA B 127 4.57 -24.86 8.46
CA ALA B 127 5.92 -25.03 8.03
C ALA B 127 6.79 -24.59 9.17
N TYR B 128 7.97 -25.17 9.29
CA TYR B 128 8.78 -24.93 10.46
C TYR B 128 10.24 -25.05 10.14
N ASN B 129 11.06 -24.38 10.94
CA ASN B 129 12.47 -24.61 10.90
C ASN B 129 12.84 -25.52 12.06
N ASP B 130 13.40 -26.68 11.76
CA ASP B 130 13.68 -27.67 12.80
C ASP B 130 14.89 -27.21 13.58
N PHE B 131 14.60 -26.61 14.73
CA PHE B 131 15.60 -25.96 15.54
C PHE B 131 16.58 -26.90 16.20
N GLU B 132 16.22 -28.18 16.32
CA GLU B 132 17.06 -29.11 17.06
C GLU B 132 17.85 -30.08 16.18
N GLU B 133 17.69 -29.94 14.88
CA GLU B 133 18.54 -30.61 13.90
C GLU B 133 19.88 -29.91 13.84
N PHE B 134 20.95 -30.71 13.83
CA PHE B 134 22.33 -30.24 13.78
C PHE B 134 23.14 -31.01 12.74
N SER B 135 23.81 -30.25 11.89
CA SER B 135 24.74 -30.78 10.90
C SER B 135 25.40 -29.59 10.21
N VAL B 136 26.72 -29.61 10.10
CA VAL B 136 27.47 -28.42 9.69
C VAL B 136 27.67 -28.30 8.18
N LEU B 137 28.02 -27.09 7.76
CA LEU B 137 28.61 -26.87 6.43
C LEU B 137 30.12 -27.09 6.47
N THR B 138 30.76 -26.59 7.53
CA THR B 138 32.18 -26.79 7.78
C THR B 138 32.46 -26.73 9.29
N THR B 139 32.33 -25.55 9.88
CA THR B 139 32.62 -25.35 11.30
C THR B 139 31.35 -25.15 12.12
N GLN B 140 30.27 -24.78 11.45
CA GLN B 140 29.06 -24.21 12.07
C GLN B 140 27.77 -24.92 11.56
N ASN B 141 26.84 -25.17 12.47
CA ASN B 141 25.57 -25.78 12.11
C ASN B 141 24.87 -25.06 10.97
N TYR B 142 24.34 -25.79 10.01
CA TYR B 142 23.61 -25.19 8.91
C TYR B 142 22.38 -24.41 9.43
N ALA B 143 21.52 -25.10 10.19
CA ALA B 143 20.41 -24.48 10.92
C ALA B 143 19.44 -23.73 10.03
N LYS B 144 19.31 -24.17 8.78
CA LYS B 144 18.31 -23.63 7.85
C LYS B 144 17.48 -24.81 7.33
N PHE B 145 17.07 -25.61 8.31
CA PHE B 145 16.45 -26.90 8.07
C PHE B 145 14.97 -26.69 7.98
N TYR B 146 14.50 -26.34 6.78
CA TYR B 146 13.11 -25.95 6.56
C TYR B 146 12.22 -27.06 5.96
N TYR B 147 11.01 -27.16 6.49
CA TYR B 147 10.07 -28.24 6.15
C TYR B 147 8.65 -27.70 6.13
N ALA B 148 7.80 -28.21 5.24
CA ALA B 148 6.37 -27.99 5.38
C ALA B 148 5.65 -29.29 5.70
N LYS B 149 4.56 -29.20 6.45
CA LYS B 149 3.78 -30.39 6.81
C LYS B 149 2.75 -30.69 5.73
N ASN B 150 2.91 -31.85 5.12
CA ASN B 150 1.96 -32.33 4.15
C ASN B 150 0.65 -32.65 4.82
N LYS B 151 -0.42 -32.70 4.04
CA LYS B 151 -1.72 -32.86 4.65
C LYS B 151 -1.83 -34.19 5.38
N ASN B 152 -1.15 -35.22 4.88
CA ASN B 152 -1.20 -36.54 5.54
C ASN B 152 -0.34 -36.65 6.83
N GLY B 153 0.42 -35.59 7.15
CA GLY B 153 1.20 -35.52 8.41
C GLY B 153 2.70 -35.58 8.24
N SER B 154 3.16 -36.20 7.16
CA SER B 154 4.57 -36.21 6.76
C SER B 154 5.17 -34.80 6.56
N SER B 155 6.49 -34.72 6.46
CA SER B 155 7.13 -33.43 6.26
C SER B 155 7.90 -33.43 4.95
N GLN B 156 7.68 -32.45 4.10
CA GLN B 156 8.57 -32.30 2.95
C GLN B 156 9.64 -31.25 3.19
N VAL B 157 10.83 -31.54 2.70
CA VAL B 157 11.88 -30.56 2.62
C VAL B 157 11.40 -29.39 1.80
N VAL B 158 11.66 -28.17 2.29
CA VAL B 158 11.40 -26.95 1.52
C VAL B 158 12.54 -25.93 1.56
N TYR B 159 12.51 -24.98 0.63
CA TYR B 159 13.58 -23.94 0.53
C TYR B 159 13.02 -22.50 0.51
N ALA B 160 13.70 -21.59 1.20
CA ALA B 160 13.37 -20.15 1.16
C ALA B 160 13.42 -19.60 -0.26
N PHE B 161 12.50 -18.68 -0.56
CA PHE B 161 12.47 -17.97 -1.84
C PHE B 161 12.91 -16.52 -1.70
N ASN B 162 13.14 -16.07 -0.48
CA ASN B 162 13.47 -14.69 -0.19
C ASN B 162 14.52 -14.78 0.86
N ALA B 163 15.73 -14.37 0.55
CA ALA B 163 16.82 -14.64 1.46
C ALA B 163 16.87 -13.68 2.64
N ASP B 164 16.11 -12.60 2.59
CA ASP B 164 16.21 -11.57 3.62
C ASP B 164 15.01 -11.56 4.55
N LEU B 165 14.00 -12.36 4.23
CA LEU B 165 12.83 -12.41 5.08
C LEU B 165 13.02 -13.44 6.18
N LYS B 166 12.06 -13.53 7.09
CA LYS B 166 12.19 -14.47 8.19
C LYS B 166 11.92 -15.89 7.76
N SER B 167 12.74 -16.80 8.25
CA SER B 167 12.56 -18.22 8.10
C SER B 167 11.26 -18.71 8.70
N PRO B 168 10.78 -19.89 8.27
CA PRO B 168 9.64 -20.51 8.96
C PRO B 168 9.90 -20.61 10.45
N PRO B 169 8.85 -20.61 11.28
CA PRO B 169 8.96 -20.63 12.75
C PRO B 169 9.76 -21.80 13.32
N ASP B 170 10.54 -21.54 14.36
CA ASP B 170 11.29 -22.59 15.03
C ASP B 170 10.36 -23.61 15.65
N SER B 171 10.69 -24.88 15.46
CA SER B 171 10.09 -25.94 16.25
C SER B 171 11.21 -26.67 16.97
N GLU B 172 10.90 -27.08 18.19
CA GLU B 172 11.84 -27.82 19.03
C GLU B 172 11.48 -29.28 19.12
N ASP B 173 10.37 -29.68 18.49
CA ASP B 173 9.88 -31.04 18.54
C ASP B 173 9.57 -31.62 17.15
N GLY B 174 10.41 -31.34 16.17
CA GLY B 174 10.22 -31.87 14.81
C GLY B 174 8.94 -31.43 14.12
N GLY B 175 8.45 -30.24 14.45
CA GLY B 175 7.33 -29.63 13.76
C GLY B 175 5.98 -29.80 14.42
N LYS B 176 5.93 -30.28 15.66
CA LYS B 176 4.64 -30.39 16.35
C LYS B 176 4.17 -29.09 16.98
N THR B 177 5.11 -28.26 17.41
CA THR B 177 4.80 -26.93 17.95
C THR B 177 5.80 -25.95 17.42
N MET B 178 5.29 -24.74 17.17
CA MET B 178 6.01 -23.72 16.47
C MET B 178 6.04 -22.47 17.31
N THR B 179 7.16 -21.77 17.30
CA THR B 179 7.21 -20.47 17.94
C THR B 179 6.32 -19.49 17.20
N PRO B 180 5.36 -18.85 17.89
CA PRO B 180 4.59 -17.84 17.17
C PRO B 180 5.42 -16.62 16.88
N ASP B 181 4.95 -15.80 15.96
CA ASP B 181 5.55 -14.50 15.75
C ASP B 181 5.04 -13.59 16.85
N PHE B 182 5.90 -12.69 17.29
CA PHE B 182 5.60 -11.82 18.42
C PHE B 182 4.36 -10.98 18.17
N THR B 183 4.20 -10.56 16.91
CA THR B 183 3.18 -9.58 16.52
C THR B 183 1.95 -10.17 15.90
N THR B 184 2.06 -11.20 15.07
CA THR B 184 0.90 -11.74 14.35
C THR B 184 0.48 -13.13 14.77
N GLY B 185 1.21 -13.73 15.68
CA GLY B 185 0.87 -15.06 16.15
C GLY B 185 1.35 -16.16 15.24
N GLU B 186 0.72 -17.32 15.39
CA GLU B 186 1.04 -18.49 14.57
C GLU B 186 1.30 -18.11 13.12
N VAL B 187 2.42 -18.56 12.54
CA VAL B 187 2.65 -18.33 11.13
C VAL B 187 2.34 -19.58 10.32
N LYS B 188 1.31 -19.52 9.50
CA LYS B 188 0.97 -20.63 8.64
C LYS B 188 0.91 -20.15 7.22
N TYR B 189 0.68 -21.09 6.30
CA TYR B 189 0.94 -20.86 4.90
C TYR B 189 -0.21 -21.32 4.03
N THR B 190 -0.34 -20.69 2.87
CA THR B 190 -1.23 -21.19 1.83
C THR B 190 -0.41 -22.00 0.88
N HIS B 191 -0.87 -23.21 0.62
CA HIS B 191 -0.24 -24.12 -0.31
C HIS B 191 -0.83 -23.91 -1.71
N ILE B 192 0.02 -23.60 -2.69
CA ILE B 192 -0.42 -23.42 -4.05
C ILE B 192 0.42 -24.27 -4.98
N ALA B 193 0.00 -24.40 -6.22
CA ALA B 193 0.87 -24.96 -7.22
C ALA B 193 1.89 -23.89 -7.62
N GLY B 194 3.17 -24.28 -7.60
CA GLY B 194 4.27 -23.47 -8.08
C GLY B 194 4.18 -23.34 -9.58
N ARG B 195 3.45 -22.31 -9.98
CA ARG B 195 3.38 -21.83 -11.36
C ARG B 195 3.23 -20.35 -11.14
N ASP B 196 3.84 -19.57 -12.01
CA ASP B 196 3.83 -18.13 -11.85
C ASP B 196 4.45 -17.71 -10.51
N LEU B 197 5.64 -18.22 -10.24
CA LEU B 197 6.40 -17.92 -9.01
C LEU B 197 7.28 -16.67 -9.16
N PHE B 198 7.38 -16.12 -10.35
CA PHE B 198 8.19 -14.91 -10.54
C PHE B 198 7.77 -13.79 -9.57
N LYS B 199 6.47 -13.61 -9.36
CA LYS B 199 6.00 -12.48 -8.56
C LYS B 199 6.44 -12.46 -7.08
N TYR B 200 6.92 -13.59 -6.57
CA TYR B 200 7.30 -13.67 -5.14
C TYR B 200 8.78 -13.36 -4.94
N THR B 201 9.54 -13.33 -6.02
CA THR B 201 10.94 -12.92 -5.94
C THR B 201 11.12 -11.44 -5.55
N VAL B 202 12.20 -11.16 -4.83
CA VAL B 202 12.60 -9.79 -4.52
C VAL B 202 13.57 -9.21 -5.57
N LYS B 203 14.61 -9.94 -5.91
CA LYS B 203 15.66 -9.40 -6.78
C LYS B 203 16.13 -10.48 -7.73
N PRO B 204 15.24 -10.96 -8.59
CA PRO B 204 15.59 -12.12 -9.40
C PRO B 204 16.45 -11.70 -10.56
N ARG B 205 17.29 -12.64 -10.99
CA ARG B 205 18.17 -12.45 -12.13
C ARG B 205 17.36 -12.43 -13.44
N ASP B 206 16.36 -13.29 -13.54
CA ASP B 206 15.62 -13.43 -14.80
C ASP B 206 14.69 -12.27 -15.06
N THR B 207 14.18 -12.19 -16.29
CA THR B 207 13.09 -11.26 -16.58
C THR B 207 11.90 -11.97 -17.20
N ASP B 208 12.06 -13.21 -17.63
CA ASP B 208 10.94 -13.95 -18.16
C ASP B 208 10.36 -14.91 -17.14
N PRO B 209 9.09 -14.73 -16.75
CA PRO B 209 8.43 -15.64 -15.80
C PRO B 209 8.58 -17.13 -16.10
N ASP B 210 8.23 -17.56 -17.31
CA ASP B 210 8.37 -18.98 -17.66
C ASP B 210 9.81 -19.47 -17.57
N THR B 211 10.75 -18.67 -18.07
CA THR B 211 12.16 -19.03 -18.00
C THR B 211 12.55 -19.22 -16.53
N PHE B 212 12.12 -18.28 -15.69
CA PHE B 212 12.41 -18.32 -14.25
C PHE B 212 11.93 -19.64 -13.64
N LEU B 213 10.67 -19.98 -13.88
CA LEU B 213 10.10 -21.19 -13.32
C LEU B 213 10.93 -22.41 -13.68
N LYS B 214 11.31 -22.49 -14.95
CA LYS B 214 12.15 -23.60 -15.41
C LYS B 214 13.43 -23.65 -14.60
N HIS B 215 14.10 -22.51 -14.45
CA HIS B 215 15.32 -22.49 -13.64
C HIS B 215 15.07 -23.11 -12.27
N ILE B 216 13.95 -22.77 -11.64
CA ILE B 216 13.69 -23.18 -10.29
C ILE B 216 13.44 -24.68 -10.21
N LYS B 217 12.68 -25.23 -11.15
CA LYS B 217 12.29 -26.64 -11.08
C LYS B 217 13.47 -27.56 -11.28
N LYS B 218 14.51 -27.08 -11.95
CA LYS B 218 15.60 -27.95 -12.30
C LYS B 218 16.66 -27.95 -11.22
N VAL B 219 16.78 -26.82 -10.54
CA VAL B 219 17.56 -26.78 -9.34
C VAL B 219 17.02 -27.81 -8.36
N ILE B 220 15.72 -27.76 -8.14
CA ILE B 220 15.06 -28.71 -7.27
C ILE B 220 15.24 -30.13 -7.83
N GLU B 221 15.08 -30.29 -9.13
CA GLU B 221 15.30 -31.59 -9.78
C GLU B 221 16.60 -32.27 -9.34
N LYS B 222 17.71 -31.53 -9.42
CA LYS B 222 19.04 -32.09 -9.14
C LYS B 222 19.54 -31.93 -7.70
N GLY B 223 18.86 -31.08 -6.92
CA GLY B 223 19.25 -30.79 -5.53
C GLY B 223 18.65 -31.76 -4.53
N TYR B 224 18.68 -31.36 -3.27
CA TYR B 224 18.24 -32.24 -2.22
C TYR B 224 16.74 -32.21 -2.11
N ARG B 225 16.10 -33.35 -2.27
CA ARG B 225 14.65 -33.42 -2.17
C ARG B 225 14.15 -34.24 -1.00
N GLU B 226 14.84 -35.33 -0.67
CA GLU B 226 14.32 -36.29 0.30
C GLU B 226 15.41 -36.83 1.23
N LYS B 227 15.02 -37.15 2.47
CA LYS B 227 15.91 -37.81 3.42
C LYS B 227 16.41 -39.06 2.75
N GLY B 228 17.68 -39.37 2.95
CA GLY B 228 18.26 -40.62 2.48
C GLY B 228 18.51 -40.81 0.98
N GLN B 229 18.32 -39.79 0.16
CA GLN B 229 18.50 -39.98 -1.30
C GLN B 229 19.94 -40.13 -1.65
N ALA B 230 20.17 -40.78 -2.79
CA ALA B 230 21.51 -40.92 -3.38
C ALA B 230 22.15 -39.54 -3.70
N ILE B 231 23.26 -39.25 -3.02
CA ILE B 231 24.00 -38.03 -3.27
C ILE B 231 24.99 -38.29 -4.41
N GLU B 232 24.56 -37.96 -5.62
CA GLU B 232 25.44 -38.00 -6.78
C GLU B 232 26.87 -37.46 -6.51
N TYR B 233 27.01 -36.48 -5.62
CA TYR B 233 28.28 -35.74 -5.48
C TYR B 233 29.13 -36.29 -4.33
N SER B 234 30.24 -36.94 -4.68
CA SER B 234 31.14 -37.64 -3.74
C SER B 234 31.58 -36.75 -2.57
N GLY B 235 31.48 -37.29 -1.36
CA GLY B 235 31.97 -36.59 -0.17
C GLY B 235 31.11 -35.45 0.38
N LEU B 236 29.94 -35.21 -0.20
CA LEU B 236 28.97 -34.29 0.40
C LEU B 236 27.98 -35.04 1.31
N THR B 237 27.61 -34.39 2.42
CA THR B 237 26.53 -34.90 3.27
C THR B 237 25.21 -34.44 2.71
N GLU B 238 24.14 -35.02 3.25
CA GLU B 238 22.81 -34.60 2.83
C GLU B 238 22.60 -33.14 3.12
N THR B 239 23.03 -32.73 4.31
CA THR B 239 22.92 -31.32 4.72
C THR B 239 23.70 -30.36 3.80
N GLN B 240 24.89 -30.76 3.37
CA GLN B 240 25.66 -29.89 2.47
C GLN B 240 24.98 -29.74 1.11
N LEU B 241 24.32 -30.79 0.64
CA LEU B 241 23.57 -30.69 -0.62
C LEU B 241 22.38 -29.75 -0.49
N ARG B 242 21.69 -29.87 0.64
CA ARG B 242 20.57 -29.01 0.93
C ARG B 242 21.04 -27.57 0.89
N ALA B 243 22.18 -27.29 1.51
CA ALA B 243 22.74 -25.95 1.51
C ALA B 243 23.06 -25.49 0.10
N ALA B 244 23.60 -26.39 -0.71
CA ALA B 244 23.90 -26.07 -2.09
C ALA B 244 22.62 -25.73 -2.84
N THR B 245 21.60 -26.54 -2.63
CA THR B 245 20.33 -26.35 -3.31
C THR B 245 19.78 -24.97 -2.97
N GLN B 246 19.64 -24.69 -1.68
CA GLN B 246 19.17 -23.40 -1.18
C GLN B 246 19.93 -22.17 -1.76
N LEU B 247 21.25 -22.27 -1.86
CA LEU B 247 22.03 -21.16 -2.38
C LEU B 247 21.77 -20.98 -3.88
N ALA B 248 21.62 -22.09 -4.60
CA ALA B 248 21.24 -22.08 -6.03
C ALA B 248 19.90 -21.37 -6.23
N ILE B 249 18.90 -21.71 -5.43
CA ILE B 249 17.63 -20.98 -5.46
C ILE B 249 17.89 -19.48 -5.34
N TYR B 250 18.75 -19.10 -4.39
CA TYR B 250 19.05 -17.70 -4.17
C TYR B 250 19.71 -17.03 -5.35
N TYR B 251 20.62 -17.73 -6.00
CA TYR B 251 21.18 -17.27 -7.25
C TYR B 251 20.09 -16.67 -8.13
N PHE B 252 18.96 -17.37 -8.22
CA PHE B 252 17.88 -17.01 -9.13
C PHE B 252 16.83 -16.10 -8.55
N THR B 253 16.55 -16.23 -7.25
CA THR B 253 15.52 -15.45 -6.57
C THR B 253 16.01 -14.11 -6.03
N ASP B 254 17.24 -14.09 -5.52
CA ASP B 254 17.79 -12.88 -4.93
C ASP B 254 19.11 -12.46 -5.56
N SER B 255 19.42 -13.01 -6.73
CA SER B 255 20.67 -12.69 -7.46
C SER B 255 21.95 -12.91 -6.63
N ALA B 256 21.96 -13.98 -5.86
CA ALA B 256 23.12 -14.29 -5.01
C ALA B 256 24.31 -14.67 -5.89
N GLU B 257 25.47 -14.08 -5.60
CA GLU B 257 26.70 -14.38 -6.34
C GLU B 257 27.45 -15.52 -5.67
N LEU B 258 27.60 -16.62 -6.39
CA LEU B 258 28.27 -17.83 -5.89
C LEU B 258 29.80 -17.68 -5.93
N ASP B 259 30.34 -16.90 -5.01
CA ASP B 259 31.77 -16.63 -4.94
C ASP B 259 32.18 -16.57 -3.48
N LYS B 260 33.24 -17.30 -3.12
CA LYS B 260 33.60 -17.47 -1.71
C LYS B 260 33.90 -16.13 -1.00
N ASP B 261 34.52 -15.18 -1.72
CA ASP B 261 34.77 -13.84 -1.17
C ASP B 261 33.48 -13.09 -0.86
N LYS B 262 32.63 -12.96 -1.88
CA LYS B 262 31.36 -12.24 -1.77
C LYS B 262 30.40 -12.88 -0.76
N LEU B 263 30.55 -14.19 -0.51
CA LEU B 263 29.68 -14.89 0.41
C LEU B 263 30.12 -14.85 1.88
N LYS B 264 31.28 -14.29 2.19
CA LYS B 264 31.81 -14.37 3.56
C LYS B 264 30.76 -14.07 4.64
N ASP B 265 29.91 -13.05 4.42
CA ASP B 265 28.93 -12.58 5.43
C ASP B 265 27.48 -12.76 4.99
N TYR B 266 27.25 -13.70 4.09
CA TYR B 266 25.98 -13.79 3.40
C TYR B 266 25.16 -14.90 4.01
N HIS B 267 24.35 -14.54 5.01
CA HIS B 267 23.37 -15.44 5.60
C HIS B 267 23.96 -16.78 6.00
N GLY B 268 25.18 -16.77 6.51
CA GLY B 268 25.81 -17.96 7.09
C GLY B 268 26.51 -18.86 6.09
N PHE B 269 26.57 -18.42 4.83
CA PHE B 269 27.17 -19.18 3.72
C PHE B 269 28.68 -18.99 3.55
N GLY B 270 29.29 -18.17 4.42
CA GLY B 270 30.74 -18.18 4.55
C GLY B 270 31.20 -19.57 4.95
N ASP B 271 30.53 -20.16 5.93
CA ASP B 271 30.84 -21.50 6.44
C ASP B 271 30.75 -22.61 5.39
N MET B 272 30.36 -22.26 4.16
CA MET B 272 30.33 -23.23 3.06
C MET B 272 31.73 -23.48 2.49
N ASN B 273 32.16 -24.74 2.53
CA ASN B 273 33.45 -25.13 1.96
C ASN B 273 33.40 -25.15 0.42
N ASP B 274 34.53 -25.37 -0.22
CA ASP B 274 34.65 -25.10 -1.66
C ASP B 274 33.92 -26.11 -2.53
N SER B 275 33.98 -27.37 -2.13
CA SER B 275 33.32 -28.40 -2.92
C SER B 275 31.81 -28.28 -2.78
N THR B 276 31.34 -27.90 -1.60
CA THR B 276 29.90 -27.72 -1.42
C THR B 276 29.43 -26.57 -2.31
N LEU B 277 30.25 -25.55 -2.40
CA LEU B 277 29.96 -24.42 -3.29
C LEU B 277 30.02 -24.84 -4.76
N ALA B 278 30.96 -25.68 -5.12
CA ALA B 278 31.07 -26.12 -6.50
C ALA B 278 29.79 -26.80 -6.97
N VAL B 279 29.18 -27.60 -6.09
CA VAL B 279 27.93 -28.27 -6.41
C VAL B 279 26.84 -27.25 -6.66
N ALA B 280 26.72 -26.28 -5.76
CA ALA B 280 25.79 -25.18 -5.98
C ALA B 280 25.92 -24.60 -7.40
N LYS B 281 27.16 -24.47 -7.90
CA LYS B 281 27.39 -23.99 -9.26
C LYS B 281 26.88 -24.98 -10.30
N ILE B 282 27.21 -26.25 -10.10
CA ILE B 282 26.67 -27.31 -10.97
C ILE B 282 25.14 -27.24 -11.09
N LEU B 283 24.45 -26.98 -9.99
CA LEU B 283 23.00 -26.90 -10.00
C LEU B 283 22.55 -25.73 -10.86
N VAL B 284 23.18 -24.58 -10.66
CA VAL B 284 22.80 -23.39 -11.44
C VAL B 284 23.08 -23.56 -12.92
N GLU B 285 24.19 -24.22 -13.22
CA GLU B 285 24.61 -24.44 -14.60
C GLU B 285 23.73 -25.49 -15.28
N TYR B 286 23.27 -26.48 -14.54
CA TYR B 286 22.32 -27.44 -15.11
C TYR B 286 21.02 -26.72 -15.39
N ALA B 287 20.48 -26.02 -14.40
CA ALA B 287 19.21 -25.33 -14.59
C ALA B 287 19.27 -24.36 -15.78
N GLN B 288 20.37 -23.65 -15.91
CA GLN B 288 20.53 -22.73 -17.04
C GLN B 288 20.56 -23.42 -18.40
N ASP B 289 21.05 -24.67 -18.45
CA ASP B 289 21.10 -25.44 -19.72
C ASP B 289 19.72 -25.76 -20.31
N SER B 290 19.71 -26.16 -21.59
CA SER B 290 18.50 -26.14 -22.41
C SER B 290 17.56 -27.31 -22.26
N ASN B 291 17.91 -28.30 -21.45
CA ASN B 291 17.00 -29.42 -21.20
C ASN B 291 15.65 -28.94 -20.63
N PRO B 292 14.53 -29.54 -21.09
CA PRO B 292 13.29 -29.31 -20.35
C PRO B 292 13.43 -29.83 -18.90
N PRO B 293 12.73 -29.21 -17.94
CA PRO B 293 12.63 -29.72 -16.56
C PRO B 293 11.90 -31.05 -16.55
N GLN B 294 12.41 -32.06 -15.85
CA GLN B 294 11.69 -33.33 -15.70
C GLN B 294 10.53 -33.25 -14.71
N LEU B 295 10.53 -32.23 -13.84
CA LEU B 295 9.43 -32.00 -12.91
C LEU B 295 8.32 -31.21 -13.58
N THR B 296 7.09 -31.69 -13.42
CA THR B 296 5.94 -31.05 -14.03
C THR B 296 5.39 -29.92 -13.16
N ASP B 297 5.59 -30.04 -11.84
CA ASP B 297 4.94 -29.20 -10.82
C ASP B 297 5.49 -29.44 -9.40
N LEU B 298 5.44 -28.38 -8.59
CA LEU B 298 5.98 -28.40 -7.22
C LEU B 298 5.04 -27.65 -6.30
N ASP B 299 4.97 -28.07 -5.05
CA ASP B 299 4.22 -27.32 -4.03
C ASP B 299 4.93 -26.02 -3.72
N PHE B 300 4.14 -24.98 -3.41
CA PHE B 300 4.68 -23.66 -2.99
C PHE B 300 3.82 -23.08 -1.89
N PHE B 301 4.47 -22.40 -0.97
CA PHE B 301 3.84 -21.93 0.26
C PHE B 301 4.09 -20.45 0.49
N ILE B 302 3.01 -19.76 0.83
CA ILE B 302 3.03 -18.35 1.08
C ILE B 302 2.54 -18.12 2.50
N PRO B 303 3.33 -17.42 3.32
CA PRO B 303 3.01 -17.18 4.73
C PRO B 303 1.99 -16.04 4.95
N ASN B 304 1.31 -16.09 6.09
CA ASN B 304 0.40 -15.05 6.49
C ASN B 304 1.07 -13.85 7.18
N ASN B 305 2.35 -13.64 6.93
CA ASN B 305 3.10 -12.49 7.46
C ASN B 305 4.13 -12.10 6.45
N ASN B 306 3.95 -10.95 5.82
CA ASN B 306 4.77 -10.49 4.68
C ASN B 306 6.24 -10.31 4.95
N LYS B 307 6.63 -10.24 6.22
CA LYS B 307 8.04 -10.22 6.56
C LYS B 307 8.72 -11.59 6.52
N TYR B 308 7.92 -12.65 6.43
CA TYR B 308 8.40 -14.04 6.33
C TYR B 308 8.61 -14.52 4.90
N GLN B 309 9.40 -15.57 4.74
CA GLN B 309 9.77 -15.99 3.41
C GLN B 309 8.81 -16.99 2.81
N SER B 310 8.63 -16.91 1.50
CA SER B 310 7.86 -17.90 0.78
C SER B 310 8.72 -19.11 0.54
N LEU B 311 8.10 -20.28 0.53
CA LEU B 311 8.84 -21.54 0.47
C LEU B 311 8.53 -22.35 -0.78
N ILE B 312 9.56 -22.86 -1.43
CA ILE B 312 9.41 -23.66 -2.63
C ILE B 312 9.62 -25.08 -2.20
N GLY B 313 8.65 -25.94 -2.48
CA GLY B 313 8.66 -27.28 -1.98
C GLY B 313 9.50 -28.20 -2.83
N THR B 314 9.61 -29.45 -2.39
CA THR B 314 10.37 -30.43 -3.15
C THR B 314 9.47 -31.55 -3.61
N GLN B 315 8.21 -31.43 -3.29
CA GLN B 315 7.25 -32.46 -3.60
C GLN B 315 6.07 -31.82 -4.30
N TRP B 316 5.08 -32.63 -4.62
CA TRP B 316 3.97 -32.17 -5.41
C TRP B 316 2.71 -32.90 -4.94
N HIS B 317 1.73 -32.13 -4.47
CA HIS B 317 0.50 -32.69 -3.91
C HIS B 317 -0.73 -31.98 -4.47
N PRO B 318 -1.20 -32.40 -5.64
CA PRO B 318 -2.37 -31.77 -6.28
C PRO B 318 -3.74 -32.14 -5.71
N GLU B 319 -3.85 -33.20 -4.91
CA GLU B 319 -5.15 -33.62 -4.36
C GLU B 319 -5.93 -32.50 -3.72
N ASP B 320 -5.25 -31.63 -2.99
CA ASP B 320 -5.91 -30.64 -2.13
C ASP B 320 -6.22 -29.35 -2.83
N LEU B 321 -5.66 -29.16 -4.00
CA LEU B 321 -5.74 -27.87 -4.68
C LEU B 321 -6.98 -27.75 -5.56
N VAL B 322 -7.65 -26.61 -5.52
CA VAL B 322 -8.82 -26.39 -6.36
C VAL B 322 -8.58 -25.17 -7.23
N ASP B 323 -9.44 -24.94 -8.21
CA ASP B 323 -9.28 -23.83 -9.13
C ASP B 323 -9.60 -22.55 -8.43
N ILE B 324 -8.72 -21.57 -8.64
CA ILE B 324 -8.94 -20.24 -8.13
C ILE B 324 -9.03 -19.28 -9.30
N ILE B 325 -10.01 -18.40 -9.25
CA ILE B 325 -10.04 -17.27 -10.15
C ILE B 325 -9.39 -16.15 -9.37
N ARG B 326 -8.13 -15.87 -9.70
CA ARG B 326 -7.28 -14.98 -8.93
C ARG B 326 -7.25 -13.60 -9.57
N MET B 327 -7.65 -12.56 -8.82
CA MET B 327 -7.58 -11.21 -9.34
C MET B 327 -6.67 -10.42 -8.41
N GLU B 328 -5.73 -9.66 -8.99
CA GLU B 328 -4.73 -8.92 -8.22
C GLU B 328 -4.84 -7.41 -8.38
N ASP B 329 -5.16 -6.74 -7.27
CA ASP B 329 -5.34 -5.29 -7.23
C ASP B 329 -4.03 -4.54 -7.00
N LYS B 330 -3.78 -3.54 -7.84
CA LYS B 330 -2.56 -2.73 -7.84
C LYS B 330 -2.80 -1.41 -7.14
N LYS B 331 -1.96 -1.06 -6.16
CA LYS B 331 -2.14 0.19 -5.40
C LYS B 331 -2.00 1.41 -6.31
N GLU B 332 -2.92 2.36 -6.22
CA GLU B 332 -3.01 3.47 -7.20
C GLU B 332 -1.94 4.58 -7.12
N VAL B 333 -0.96 4.47 -6.22
CA VAL B 333 0.14 5.45 -6.16
C VAL B 333 1.16 5.32 -7.31
N ILE B 334 1.44 4.09 -7.76
CA ILE B 334 2.38 3.85 -8.88
C ILE B 334 1.72 3.38 -10.20
N PRO B 335 1.09 4.31 -10.94
CA PRO B 335 0.26 3.88 -12.07
C PRO B 335 0.99 3.13 -13.16
N VAL B 336 0.78 1.82 -13.20
CA VAL B 336 1.14 1.03 -14.36
C VAL B 336 0.11 1.12 -15.50
N THR B 337 -0.98 1.90 -15.36
CA THR B 337 -1.89 2.19 -16.48
C THR B 337 -2.14 3.70 -16.59
N HIS B 338 -2.58 4.13 -17.78
CA HIS B 338 -2.52 5.54 -18.14
C HIS B 338 -3.75 6.05 -18.87
N ASN B 339 -3.80 7.38 -18.99
CA ASN B 339 -4.90 8.11 -19.62
C ASN B 339 -4.49 8.83 -20.89
N LEU B 340 -5.45 8.92 -21.81
CA LEU B 340 -5.27 9.60 -23.09
C LEU B 340 -6.51 10.44 -23.37
N THR B 341 -6.34 11.76 -23.46
CA THR B 341 -7.46 12.66 -23.63
C THR B 341 -7.46 13.32 -25.01
N LEU B 342 -8.59 13.24 -25.73
CA LEU B 342 -8.79 13.96 -26.99
C LEU B 342 -9.70 15.17 -26.77
N ARG B 343 -9.37 16.30 -27.37
CA ARG B 343 -10.20 17.50 -27.26
C ARG B 343 -10.47 18.07 -28.63
N LYS B 344 -11.60 18.72 -28.79
CA LYS B 344 -11.85 19.43 -30.03
C LYS B 344 -12.17 20.87 -29.75
N THR B 345 -11.51 21.76 -30.49
CA THR B 345 -11.83 23.17 -30.49
C THR B 345 -11.95 23.64 -31.92
N VAL B 346 -12.97 24.42 -32.21
CA VAL B 346 -13.21 24.97 -33.54
C VAL B 346 -12.99 26.47 -33.50
N THR B 347 -12.36 27.03 -34.54
CA THR B 347 -12.04 28.44 -34.58
C THR B 347 -12.26 29.03 -35.96
N GLY B 348 -12.15 30.36 -36.05
CA GLY B 348 -12.38 31.12 -37.28
C GLY B 348 -13.85 31.44 -37.41
N LEU B 349 -14.17 32.52 -38.13
CA LEU B 349 -15.56 32.99 -38.22
C LEU B 349 -16.53 31.96 -38.84
N ALA B 350 -16.03 31.03 -39.66
CA ALA B 350 -16.89 30.07 -40.38
C ALA B 350 -16.83 28.64 -39.85
N GLY B 351 -16.56 28.45 -38.55
CA GLY B 351 -16.43 27.11 -37.96
C GLY B 351 -17.71 26.64 -37.31
N ASP B 352 -18.15 25.45 -37.68
CA ASP B 352 -19.41 24.89 -37.16
C ASP B 352 -19.18 24.30 -35.77
N ARG B 353 -19.68 24.98 -34.75
CA ARG B 353 -19.42 24.63 -33.35
C ARG B 353 -20.25 23.42 -32.90
N THR B 354 -21.20 23.00 -33.73
CA THR B 354 -22.05 21.84 -33.42
C THR B 354 -21.84 20.71 -34.42
N LYS B 355 -20.83 20.84 -35.28
CA LYS B 355 -20.42 19.74 -36.13
C LYS B 355 -19.78 18.67 -35.26
N ASP B 356 -20.08 17.43 -35.57
CA ASP B 356 -19.38 16.32 -35.00
C ASP B 356 -18.22 16.03 -35.91
N PHE B 357 -17.03 16.12 -35.34
CA PHE B 357 -15.82 15.68 -36.00
C PHE B 357 -15.57 14.25 -35.53
N HIS B 358 -15.05 13.42 -36.42
CA HIS B 358 -14.83 12.01 -36.12
C HIS B 358 -13.35 11.66 -36.06
N PHE B 359 -13.02 10.76 -35.13
CA PHE B 359 -11.66 10.38 -34.87
C PHE B 359 -11.52 8.88 -34.88
N GLU B 360 -10.70 8.35 -35.78
CA GLU B 360 -10.36 6.93 -35.78
C GLU B 360 -9.13 6.76 -34.88
N ILE B 361 -9.24 5.92 -33.87
CA ILE B 361 -8.13 5.64 -32.96
C ILE B 361 -7.66 4.19 -33.09
N GLU B 362 -6.38 3.99 -33.42
CA GLU B 362 -5.75 2.67 -33.43
C GLU B 362 -4.76 2.57 -32.28
N LEU B 363 -4.92 1.59 -31.41
CA LEU B 363 -4.02 1.37 -30.30
C LEU B 363 -3.27 0.07 -30.47
N LYS B 364 -1.97 0.10 -30.19
CA LYS B 364 -1.18 -1.11 -30.09
C LYS B 364 -0.52 -1.13 -28.72
N ASN B 365 -0.38 -2.33 -28.17
CA ASN B 365 0.16 -2.48 -26.83
C ASN B 365 1.68 -2.45 -26.81
N ASN B 366 2.20 -2.52 -25.59
CA ASN B 366 3.62 -2.67 -25.28
C ASN B 366 4.39 -3.59 -26.23
N LYS B 367 3.87 -4.79 -26.46
CA LYS B 367 4.49 -5.78 -27.35
C LYS B 367 3.97 -5.72 -28.80
N GLN B 368 3.54 -4.55 -29.23
CA GLN B 368 3.24 -4.30 -30.66
C GLN B 368 1.96 -5.00 -31.18
N GLU B 369 1.02 -5.32 -30.30
CA GLU B 369 -0.20 -6.04 -30.67
C GLU B 369 -1.43 -5.18 -30.62
N LEU B 370 -2.32 -5.36 -31.58
CA LEU B 370 -3.56 -4.59 -31.65
C LEU B 370 -4.41 -4.88 -30.43
N LEU B 371 -5.19 -3.90 -30.00
CA LEU B 371 -6.08 -4.10 -28.85
C LEU B 371 -7.46 -4.52 -29.29
N SER B 372 -7.82 -5.77 -28.96
CA SER B 372 -9.18 -6.28 -29.10
C SER B 372 -9.80 -6.39 -27.71
N GLN B 373 -10.28 -5.26 -27.17
CA GLN B 373 -10.83 -5.23 -25.82
C GLN B 373 -11.60 -3.96 -25.55
N THR B 374 -12.40 -4.01 -24.49
CA THR B 374 -13.18 -2.87 -24.03
C THR B 374 -12.24 -1.88 -23.37
N VAL B 375 -12.63 -0.59 -23.39
CA VAL B 375 -11.85 0.49 -22.78
C VAL B 375 -12.75 1.47 -22.04
N LYS B 376 -12.31 1.87 -20.84
CA LYS B 376 -13.10 2.74 -19.96
C LYS B 376 -12.85 4.21 -20.26
N THR B 377 -13.87 5.02 -20.01
CA THR B 377 -13.85 6.46 -20.29
C THR B 377 -14.59 7.23 -19.20
N ASP B 378 -14.58 8.55 -19.29
CA ASP B 378 -15.41 9.37 -18.40
C ASP B 378 -16.89 9.35 -18.83
N LYS B 379 -17.18 8.86 -20.04
CA LYS B 379 -18.56 8.67 -20.53
C LYS B 379 -18.80 7.17 -20.72
N THR B 380 -19.64 6.80 -21.70
CA THR B 380 -19.90 5.38 -21.97
C THR B 380 -18.63 4.67 -22.43
N ASN B 381 -18.65 3.35 -22.41
CA ASN B 381 -17.45 2.58 -22.72
C ASN B 381 -17.27 2.35 -24.21
N LEU B 382 -16.08 1.90 -24.56
CA LEU B 382 -15.62 1.89 -25.93
C LEU B 382 -15.00 0.56 -26.28
N GLU B 383 -15.62 -0.18 -27.20
CA GLU B 383 -15.09 -1.46 -27.66
C GLU B 383 -14.06 -1.24 -28.77
N PHE B 384 -12.89 -1.85 -28.61
CA PHE B 384 -11.85 -1.82 -29.64
C PHE B 384 -11.79 -3.15 -30.39
N LYS B 385 -11.99 -3.06 -31.71
CA LYS B 385 -12.05 -4.21 -32.58
C LYS B 385 -10.86 -4.20 -33.53
N ASP B 386 -9.88 -5.04 -33.23
CA ASP B 386 -8.70 -5.18 -34.07
C ASP B 386 -7.86 -3.91 -34.00
N GLY B 387 -7.71 -3.40 -32.78
CA GLY B 387 -6.95 -2.17 -32.52
C GLY B 387 -7.70 -0.86 -32.73
N LYS B 388 -8.87 -0.91 -33.38
CA LYS B 388 -9.58 0.31 -33.75
C LYS B 388 -10.80 0.63 -32.91
N ALA B 389 -11.19 1.89 -32.96
CA ALA B 389 -12.45 2.38 -32.44
C ALA B 389 -12.66 3.78 -32.98
N THR B 390 -13.91 4.23 -33.01
CA THR B 390 -14.23 5.54 -33.53
C THR B 390 -15.06 6.33 -32.51
N ILE B 391 -14.67 7.58 -32.29
CA ILE B 391 -15.43 8.48 -31.45
C ILE B 391 -15.73 9.75 -32.22
N ASN B 392 -16.58 10.59 -31.64
CA ASN B 392 -16.77 11.91 -32.17
C ASN B 392 -16.88 12.98 -31.09
N LEU B 393 -16.62 14.21 -31.48
CA LEU B 393 -16.59 15.35 -30.56
C LEU B 393 -16.94 16.59 -31.33
N LYS B 394 -17.54 17.57 -30.65
CA LYS B 394 -17.76 18.90 -31.20
C LYS B 394 -16.92 19.90 -30.43
N HIS B 395 -16.88 21.13 -30.90
CA HIS B 395 -16.19 22.21 -30.21
C HIS B 395 -16.54 22.15 -28.73
N GLY B 396 -15.54 21.95 -27.89
CA GLY B 396 -15.72 22.01 -26.42
C GLY B 396 -15.83 20.66 -25.74
N GLU B 397 -16.18 19.63 -26.49
CA GLU B 397 -16.31 18.31 -25.93
C GLU B 397 -14.95 17.66 -25.85
N SER B 398 -14.80 16.75 -24.90
CA SER B 398 -13.59 15.96 -24.77
C SER B 398 -13.91 14.56 -24.28
N LEU B 399 -12.92 13.68 -24.34
CA LEU B 399 -13.09 12.29 -23.92
C LEU B 399 -11.75 11.76 -23.40
N THR B 400 -11.77 11.16 -22.23
CA THR B 400 -10.57 10.60 -21.65
C THR B 400 -10.67 9.08 -21.69
N LEU B 401 -9.70 8.44 -22.35
CA LEU B 401 -9.52 7.01 -22.25
C LEU B 401 -8.78 6.72 -20.94
N GLN B 402 -9.04 5.56 -20.36
CA GLN B 402 -8.53 5.24 -19.03
C GLN B 402 -7.97 3.84 -18.98
N GLY B 403 -6.90 3.69 -18.22
CA GLY B 403 -6.36 2.38 -17.94
C GLY B 403 -5.73 1.68 -19.12
N LEU B 404 -4.96 2.43 -19.92
CA LEU B 404 -4.21 1.85 -21.03
C LEU B 404 -2.84 1.40 -20.51
N PRO B 405 -2.26 0.36 -21.12
CA PRO B 405 -1.07 -0.27 -20.53
C PRO B 405 0.21 0.53 -20.74
N GLU B 406 1.25 0.20 -19.98
CA GLU B 406 2.57 0.82 -20.15
C GLU B 406 3.13 0.45 -21.53
N GLY B 407 3.92 1.37 -22.10
CA GLY B 407 4.53 1.15 -23.41
C GLY B 407 3.60 1.18 -24.61
N TYR B 408 2.32 1.51 -24.40
CA TYR B 408 1.35 1.50 -25.49
C TYR B 408 1.68 2.61 -26.48
N SER B 409 1.16 2.45 -27.69
CA SER B 409 1.36 3.42 -28.76
C SER B 409 -0.01 3.74 -29.37
N TYR B 410 -0.17 4.97 -29.86
CA TYR B 410 -1.39 5.32 -30.59
C TYR B 410 -1.13 5.84 -32.00
N LEU B 411 -2.11 5.61 -32.86
CA LEU B 411 -2.24 6.34 -34.12
C LEU B 411 -3.66 6.93 -34.13
N VAL B 412 -3.78 8.24 -34.29
CA VAL B 412 -5.09 8.90 -34.26
C VAL B 412 -5.30 9.80 -35.46
N LYS B 413 -6.46 9.67 -36.11
CA LYS B 413 -6.78 10.52 -37.25
C LYS B 413 -8.15 11.14 -37.13
N GLU B 414 -8.24 12.42 -37.48
CA GLU B 414 -9.50 13.11 -37.65
C GLU B 414 -9.95 12.89 -39.10
N THR B 415 -11.06 12.19 -39.28
CA THR B 415 -11.43 11.66 -40.61
C THR B 415 -12.22 12.64 -41.48
N ASP B 416 -12.89 13.60 -40.88
CA ASP B 416 -13.68 14.59 -41.62
C ASP B 416 -13.22 16.02 -41.37
N SER B 417 -11.99 16.31 -41.81
CA SER B 417 -11.43 17.66 -41.70
C SER B 417 -11.73 18.52 -42.92
N GLU B 418 -12.36 17.95 -43.93
CA GLU B 418 -12.64 18.65 -45.18
C GLU B 418 -13.13 20.06 -44.89
N GLY B 419 -12.42 21.03 -45.46
CA GLY B 419 -12.71 22.45 -45.27
C GLY B 419 -11.91 23.14 -44.16
N TYR B 420 -11.39 22.36 -43.22
CA TYR B 420 -10.75 22.93 -42.04
C TYR B 420 -9.25 22.73 -42.07
N LYS B 421 -8.52 23.79 -41.73
CA LYS B 421 -7.11 23.71 -41.36
C LYS B 421 -7.01 23.08 -39.98
N VAL B 422 -6.16 22.06 -39.85
CA VAL B 422 -6.12 21.25 -38.63
C VAL B 422 -4.77 21.33 -37.93
N LYS B 423 -4.80 21.69 -36.66
CA LYS B 423 -3.63 21.67 -35.80
C LYS B 423 -3.88 20.68 -34.67
N VAL B 424 -2.82 19.99 -34.28
CA VAL B 424 -2.85 19.13 -33.09
C VAL B 424 -1.74 19.58 -32.13
N ASN B 425 -2.11 19.80 -30.88
CA ASN B 425 -1.24 20.46 -29.92
C ASN B 425 -0.42 21.58 -30.55
N SER B 426 -1.16 22.46 -31.21
CA SER B 426 -0.70 23.64 -31.95
C SER B 426 0.26 23.41 -33.12
N GLN B 427 0.36 22.15 -33.60
CA GLN B 427 1.18 21.82 -34.77
C GLN B 427 0.27 21.56 -35.97
N GLU B 428 0.50 22.32 -37.05
CA GLU B 428 -0.20 22.06 -38.33
C GLU B 428 0.02 20.63 -38.75
N VAL B 429 -1.06 19.98 -39.10
CA VAL B 429 -1.03 18.57 -39.39
C VAL B 429 -1.87 18.31 -40.68
N ALA B 430 -1.17 18.28 -41.81
CA ALA B 430 -1.81 18.28 -43.13
C ALA B 430 -2.81 17.13 -43.27
N ASN B 431 -2.36 15.89 -43.09
CA ASN B 431 -3.28 14.73 -43.19
C ASN B 431 -4.09 14.48 -41.90
N ALA B 432 -4.17 15.47 -41.01
CA ALA B 432 -4.96 15.36 -39.78
C ALA B 432 -4.66 14.10 -38.92
N THR B 433 -3.44 13.56 -39.04
CA THR B 433 -3.05 12.30 -38.38
C THR B 433 -1.75 12.43 -37.58
N VAL B 434 -1.71 11.80 -36.38
CA VAL B 434 -0.53 11.84 -35.50
C VAL B 434 -0.32 10.50 -34.81
N SER B 435 0.92 10.22 -34.43
CA SER B 435 1.22 9.01 -33.67
C SER B 435 2.26 9.24 -32.59
N LYS B 436 2.39 8.25 -31.71
CA LYS B 436 3.33 8.31 -30.61
C LYS B 436 3.51 6.92 -30.03
N THR B 437 4.75 6.43 -29.94
CA THR B 437 4.98 5.08 -29.42
C THR B 437 5.65 5.13 -28.06
N GLY B 438 5.49 4.05 -27.29
CA GLY B 438 6.24 3.86 -26.04
C GLY B 438 5.85 4.84 -24.95
N ILE B 439 4.56 4.86 -24.64
CA ILE B 439 3.99 5.91 -23.80
C ILE B 439 4.01 5.54 -22.32
N THR B 440 4.71 6.35 -21.55
CA THR B 440 4.98 6.09 -20.14
C THR B 440 4.27 7.08 -19.21
N SER B 441 3.27 7.80 -19.73
CA SER B 441 2.56 8.78 -18.92
C SER B 441 1.29 9.25 -19.61
N ASP B 442 0.50 10.06 -18.93
CA ASP B 442 -0.73 10.59 -19.52
C ASP B 442 -0.40 11.49 -20.70
N GLU B 443 -1.28 11.48 -21.70
CA GLU B 443 -1.03 12.14 -22.97
C GLU B 443 -2.30 12.85 -23.38
N THR B 444 -2.14 13.98 -24.05
CA THR B 444 -3.28 14.76 -24.53
C THR B 444 -3.17 15.14 -26.00
N LEU B 445 -4.25 14.93 -26.75
CA LEU B 445 -4.36 15.40 -28.14
C LEU B 445 -5.45 16.47 -28.27
N ALA B 446 -5.03 17.73 -28.37
CA ALA B 446 -5.93 18.86 -28.49
C ALA B 446 -6.03 19.29 -29.95
N PHE B 447 -7.09 18.87 -30.59
CA PHE B 447 -7.26 19.17 -32.01
C PHE B 447 -7.86 20.55 -32.13
N GLU B 448 -7.26 21.39 -32.97
CA GLU B 448 -7.92 22.62 -33.40
C GLU B 448 -8.46 22.44 -34.83
N ASN B 449 -9.72 22.79 -35.05
CA ASN B 449 -10.24 22.84 -36.39
C ASN B 449 -10.54 24.30 -36.70
N ASN B 450 -9.77 24.86 -37.62
CA ASN B 450 -9.92 26.24 -38.00
C ASN B 450 -10.64 26.36 -39.34
N LYS B 451 -11.52 27.34 -39.48
CA LYS B 451 -12.07 27.69 -40.80
C LYS B 451 -12.42 29.15 -40.89
N GLU B 452 -11.56 29.87 -41.60
CA GLU B 452 -11.71 31.28 -41.83
C GLU B 452 -12.51 31.42 -43.14
N PRO B 453 -13.31 32.49 -43.28
CA PRO B 453 -14.00 32.74 -44.56
C PRO B 453 -13.12 33.41 -45.61
#